data_7E44
#
_entry.id   7E44
#
_cell.length_a   60.837
_cell.length_b   61.651
_cell.length_c   93.893
_cell.angle_alpha   97.243
_cell.angle_beta   100.386
_cell.angle_gamma   111.139
#
_symmetry.space_group_name_H-M   'P 1'
#
loop_
_entity.id
_entity.type
_entity.pdbx_description
1 polymer 'NADH pyrophosphatase'
2 non-polymer 'ZINC ION'
3 non-polymer 'DEPHOSPHO COENZYME A'
4 water water
#
_entity_poly.entity_id   1
_entity_poly.type   'polypeptide(L)'
_entity_poly.pdbx_seq_one_letter_code
;AHMDRIIEKLDHGWWVVSHEQKLWLPKGELPYGEAANFDLVGQRALQIGEWQGEPVWLVQQQRRHDMGSVRQVIDLDVGL
FQLAGRGVQLAEFYRSHKYCGYCGHEMYPSKTEWAMLCSHCRERYYPQIAPCIIVAIRRDDSILLAQHTRHRNGVHTVLA
GFVEVGETLEQAVAREVMEQSGIKVKNLRYVTSQPWPFPQSLMTAFMAEYDSGDIVIDPKELLEANWYRYDDLPLLPPPG
TVARRLIEDTVAMCRAEYE
;
_entity_poly.pdbx_strand_id   A,B,E,F
#
# COMPACT_ATOMS: atom_id res chain seq x y z
N MET A 3 1.21 -24.12 -16.75
CA MET A 3 2.40 -24.31 -17.56
C MET A 3 3.66 -24.40 -16.69
N ASP A 4 4.43 -25.47 -16.89
CA ASP A 4 5.59 -25.73 -16.06
C ASP A 4 6.78 -25.96 -16.96
N ARG A 5 7.71 -25.01 -16.97
CA ARG A 5 8.85 -25.16 -17.88
C ARG A 5 9.92 -24.15 -17.51
N ILE A 6 11.04 -24.27 -18.22
CA ILE A 6 12.21 -23.44 -18.02
C ILE A 6 12.02 -22.14 -18.79
N ILE A 7 12.41 -21.01 -18.21
CA ILE A 7 12.21 -19.70 -18.82
C ILE A 7 13.21 -19.51 -19.96
N GLU A 8 12.69 -19.11 -21.12
CA GLU A 8 13.53 -18.84 -22.30
C GLU A 8 13.91 -17.36 -22.40
N LYS A 9 14.36 -16.97 -23.59
CA LYS A 9 14.75 -15.60 -23.90
C LYS A 9 13.57 -14.69 -24.23
N LEU A 10 12.52 -15.25 -24.84
CA LEU A 10 11.34 -14.52 -25.30
C LEU A 10 10.15 -14.68 -24.34
N ASP A 11 10.36 -14.82 -23.05
CA ASP A 11 9.25 -14.92 -22.10
C ASP A 11 9.05 -13.60 -21.39
N HIS A 12 7.79 -13.28 -21.13
CA HIS A 12 7.41 -12.00 -20.55
C HIS A 12 6.14 -12.20 -19.74
N GLY A 13 5.83 -11.19 -18.90
CA GLY A 13 4.62 -11.18 -18.10
C GLY A 13 4.82 -10.66 -16.68
N TRP A 14 4.03 -11.18 -15.75
CA TRP A 14 4.15 -10.85 -14.33
C TRP A 14 5.01 -11.91 -13.64
N TRP A 15 5.99 -11.46 -12.85
CA TRP A 15 6.97 -12.38 -12.25
C TRP A 15 6.86 -12.33 -10.73
N VAL A 16 6.35 -13.41 -10.14
CA VAL A 16 6.25 -13.57 -8.70
C VAL A 16 7.41 -14.45 -8.25
N VAL A 17 8.45 -13.83 -7.70
CA VAL A 17 9.62 -14.57 -7.22
C VAL A 17 9.48 -14.65 -5.71
N SER A 18 9.22 -15.85 -5.19
CA SER A 18 8.80 -15.97 -3.80
C SER A 18 9.61 -17.02 -3.05
N HIS A 19 9.79 -16.77 -1.76
CA HIS A 19 10.45 -17.74 -0.90
C HIS A 19 10.20 -17.35 0.55
N GLU A 20 9.91 -18.35 1.38
CA GLU A 20 9.66 -18.16 2.81
C GLU A 20 8.70 -17.01 3.08
N GLN A 21 7.49 -17.14 2.51
CA GLN A 21 6.34 -16.21 2.67
C GLN A 21 6.63 -14.78 2.19
N LYS A 22 7.72 -14.56 1.45
CA LYS A 22 8.04 -13.25 0.91
C LYS A 22 8.15 -13.34 -0.60
N LEU A 23 8.10 -12.17 -1.26
CA LEU A 23 8.31 -12.13 -2.69
C LEU A 23 9.13 -10.91 -3.05
N TRP A 24 9.85 -11.03 -4.17
CA TRP A 24 10.76 -9.98 -4.63
C TRP A 24 9.95 -8.79 -5.16
N LEU A 25 10.07 -7.65 -4.50
CA LEU A 25 9.38 -6.43 -4.91
C LEU A 25 10.41 -5.32 -5.08
N PRO A 26 11.10 -5.29 -6.22
CA PRO A 26 12.09 -4.23 -6.44
C PRO A 26 11.40 -2.88 -6.45
N LYS A 27 11.88 -1.97 -5.61
CA LYS A 27 11.28 -0.65 -5.42
C LYS A 27 9.83 -0.76 -4.94
N GLY A 28 9.46 -1.88 -4.32
CA GLY A 28 8.10 -2.04 -3.87
C GLY A 28 7.11 -2.33 -4.95
N GLU A 29 7.56 -2.80 -6.11
CA GLU A 29 6.64 -3.06 -7.21
C GLU A 29 6.68 -4.53 -7.61
N LEU A 30 5.55 -5.01 -8.06
CA LEU A 30 5.48 -6.38 -8.55
C LEU A 30 6.14 -6.42 -9.91
N PRO A 31 7.19 -7.23 -10.11
CA PRO A 31 7.88 -7.26 -11.40
C PRO A 31 6.97 -7.55 -12.58
N TYR A 32 7.15 -6.78 -13.63
CA TYR A 32 6.44 -6.98 -14.87
C TYR A 32 7.38 -6.69 -16.03
N GLY A 33 7.40 -7.57 -17.02
CA GLY A 33 8.29 -7.32 -18.14
C GLY A 33 8.90 -8.56 -18.75
N GLU A 34 10.13 -8.46 -19.25
CA GLU A 34 10.81 -9.58 -19.88
C GLU A 34 11.69 -10.29 -18.88
N ALA A 35 11.81 -11.61 -19.03
CA ALA A 35 12.63 -12.38 -18.11
C ALA A 35 14.04 -11.88 -18.16
N ALA A 36 14.47 -11.47 -19.36
CA ALA A 36 15.82 -10.96 -19.54
C ALA A 36 16.05 -9.73 -18.68
N ASN A 37 15.01 -8.93 -18.39
CA ASN A 37 15.25 -7.76 -17.56
C ASN A 37 15.33 -8.09 -16.08
N PHE A 38 15.01 -9.32 -15.67
CA PHE A 38 15.03 -9.63 -14.25
C PHE A 38 15.99 -10.77 -13.93
N ASP A 39 16.82 -11.17 -14.88
CA ASP A 39 17.74 -12.27 -14.68
C ASP A 39 16.97 -13.56 -14.36
N LEU A 40 15.84 -13.79 -15.05
CA LEU A 40 15.13 -15.05 -14.83
C LEU A 40 15.30 -16.07 -15.93
N VAL A 41 16.04 -15.77 -16.99
CA VAL A 41 16.21 -16.71 -18.08
C VAL A 41 16.94 -17.97 -17.59
N GLY A 42 16.36 -19.13 -17.88
CA GLY A 42 16.90 -20.38 -17.38
C GLY A 42 16.38 -20.85 -16.04
N GLN A 43 15.42 -20.17 -15.43
CA GLN A 43 14.90 -20.63 -14.17
C GLN A 43 13.63 -21.42 -14.41
N ARG A 44 13.26 -22.23 -13.44
CA ARG A 44 12.02 -22.96 -13.57
C ARG A 44 10.89 -22.06 -13.06
N ALA A 45 9.81 -22.04 -13.81
CA ALA A 45 8.67 -21.20 -13.46
C ALA A 45 7.40 -21.97 -13.77
N LEU A 46 6.38 -21.64 -12.98
CA LEU A 46 5.06 -22.24 -13.10
C LEU A 46 4.11 -21.11 -13.43
N GLN A 47 3.29 -21.28 -14.44
CA GLN A 47 2.28 -20.26 -14.71
C GLN A 47 1.15 -20.48 -13.72
N ILE A 48 0.88 -19.48 -12.89
CA ILE A 48 -0.14 -19.65 -11.86
C ILE A 48 -1.44 -18.95 -12.22
N GLY A 49 -1.45 -18.15 -13.27
CA GLY A 49 -2.67 -17.56 -13.79
C GLY A 49 -2.29 -16.56 -14.86
N GLU A 50 -3.22 -15.70 -15.23
CA GLU A 50 -2.84 -14.68 -16.20
C GLU A 50 -3.68 -13.45 -15.89
N TRP A 51 -3.10 -12.31 -16.19
CA TRP A 51 -3.74 -11.05 -15.90
C TRP A 51 -3.76 -10.20 -17.15
N GLN A 52 -4.96 -9.90 -17.61
CA GLN A 52 -5.17 -9.04 -18.77
C GLN A 52 -4.32 -9.48 -19.95
N GLY A 53 -4.36 -10.79 -20.21
CA GLY A 53 -3.67 -11.36 -21.34
C GLY A 53 -2.20 -11.60 -21.13
N GLU A 54 -1.67 -11.35 -19.94
CA GLU A 54 -0.27 -11.63 -19.70
C GLU A 54 -0.14 -12.74 -18.67
N PRO A 55 0.77 -13.68 -18.86
CA PRO A 55 0.89 -14.78 -17.90
C PRO A 55 1.52 -14.30 -16.59
N VAL A 56 1.12 -14.94 -15.50
CA VAL A 56 1.69 -14.68 -14.18
C VAL A 56 2.48 -15.91 -13.78
N TRP A 57 3.76 -15.73 -13.50
CA TRP A 57 4.68 -16.84 -13.25
C TRP A 57 5.11 -16.87 -11.80
N LEU A 58 5.28 -18.09 -11.28
CA LEU A 58 5.83 -18.32 -9.95
C LEU A 58 7.24 -18.87 -10.12
N VAL A 59 8.20 -18.20 -9.50
CA VAL A 59 9.60 -18.59 -9.44
C VAL A 59 9.93 -18.78 -7.98
N GLN A 60 10.39 -19.99 -7.62
CA GLN A 60 10.75 -20.27 -6.23
C GLN A 60 12.21 -19.92 -6.05
N GLN A 61 12.44 -18.71 -5.61
CA GLN A 61 13.81 -18.23 -5.54
C GLN A 61 13.85 -17.13 -4.52
N GLN A 62 14.94 -17.10 -3.76
CA GLN A 62 15.14 -16.04 -2.80
C GLN A 62 16.16 -15.06 -3.37
N ARG A 63 15.81 -13.79 -3.42
CA ARG A 63 16.76 -12.78 -3.83
C ARG A 63 17.36 -12.15 -2.60
N ARG A 64 18.62 -11.71 -2.69
CA ARG A 64 19.34 -11.06 -1.58
C ARG A 64 18.59 -9.84 -1.06
N HIS A 65 18.09 -9.04 -2.03
CA HIS A 65 17.37 -7.89 -1.50
C HIS A 65 15.95 -7.80 -2.01
N ASP A 66 15.23 -6.91 -1.31
CA ASP A 66 13.88 -6.49 -1.61
C ASP A 66 12.86 -7.63 -1.51
N MET A 67 13.08 -8.57 -0.60
CA MET A 67 12.08 -9.60 -0.33
C MET A 67 11.18 -9.12 0.81
N GLY A 68 9.89 -8.98 0.53
CA GLY A 68 8.98 -8.39 1.48
C GLY A 68 7.64 -9.09 1.43
N SER A 69 6.70 -8.54 2.19
CA SER A 69 5.38 -9.12 2.27
C SER A 69 4.53 -8.64 1.09
N VAL A 70 3.64 -9.53 0.62
CA VAL A 70 2.73 -9.17 -0.46
C VAL A 70 1.77 -8.07 -0.04
N ARG A 71 1.67 -7.81 1.27
CA ARG A 71 0.82 -6.72 1.74
C ARG A 71 1.16 -5.40 1.05
N GLN A 72 2.43 -5.24 0.65
CA GLN A 72 2.93 -4.02 0.04
C GLN A 72 2.36 -3.75 -1.34
N VAL A 73 1.73 -4.74 -2.00
CA VAL A 73 1.14 -4.46 -3.30
C VAL A 73 -0.38 -4.59 -3.20
N ILE A 74 -0.92 -4.38 -2.00
CA ILE A 74 -2.37 -4.38 -1.86
C ILE A 74 -3.03 -3.33 -2.75
N ASP A 75 -2.28 -2.32 -3.22
CA ASP A 75 -2.89 -1.31 -4.07
C ASP A 75 -3.06 -1.75 -5.51
N LEU A 76 -2.65 -2.97 -5.87
CA LEU A 76 -2.90 -3.49 -7.20
C LEU A 76 -4.36 -3.88 -7.33
N ASP A 77 -4.78 -4.12 -8.56
CA ASP A 77 -6.13 -4.61 -8.79
C ASP A 77 -6.33 -5.94 -8.06
N VAL A 78 -7.53 -6.10 -7.48
CA VAL A 78 -7.83 -7.27 -6.66
C VAL A 78 -7.51 -8.57 -7.40
N GLY A 79 -7.85 -8.64 -8.69
CA GLY A 79 -7.59 -9.86 -9.45
C GLY A 79 -6.11 -10.21 -9.51
N LEU A 80 -5.27 -9.20 -9.76
CA LEU A 80 -3.82 -9.40 -9.78
C LEU A 80 -3.28 -9.70 -8.38
N PHE A 81 -3.78 -9.00 -7.35
CA PHE A 81 -3.36 -9.30 -6.00
C PHE A 81 -3.65 -10.76 -5.64
N GLN A 82 -4.81 -11.24 -6.05
CA GLN A 82 -5.18 -12.65 -5.78
C GLN A 82 -4.10 -13.54 -6.39
N LEU A 83 -3.71 -13.27 -7.63
CA LEU A 83 -2.70 -14.12 -8.28
C LEU A 83 -1.32 -13.99 -7.61
N ALA A 84 -0.96 -12.78 -7.15
CA ALA A 84 0.31 -12.64 -6.42
C ALA A 84 0.27 -13.45 -5.13
N GLY A 85 -0.86 -13.41 -4.41
CA GLY A 85 -0.98 -14.21 -3.20
C GLY A 85 -0.93 -15.70 -3.49
N ARG A 86 -1.55 -16.11 -4.61
CA ARG A 86 -1.49 -17.52 -5.03
C ARG A 86 -0.05 -18.00 -5.17
N GLY A 87 0.79 -17.18 -5.81
CA GLY A 87 2.19 -17.55 -5.97
C GLY A 87 2.90 -17.75 -4.63
N VAL A 88 2.69 -16.81 -3.69
CA VAL A 88 3.32 -16.91 -2.39
C VAL A 88 2.86 -18.17 -1.66
N GLN A 89 1.55 -18.38 -1.64
CA GLN A 89 0.97 -19.56 -0.95
C GLN A 89 1.50 -20.84 -1.60
N LEU A 90 1.49 -20.90 -2.94
CA LEU A 90 1.94 -22.11 -3.67
C LEU A 90 3.41 -22.39 -3.37
N ALA A 91 4.25 -21.35 -3.33
CA ALA A 91 5.68 -21.58 -3.06
C ALA A 91 5.84 -22.19 -1.67
N GLU A 92 5.10 -21.68 -0.68
CA GLU A 92 5.18 -22.20 0.70
C GLU A 92 4.67 -23.65 0.71
N PHE A 93 3.61 -23.93 -0.05
CA PHE A 93 3.05 -25.30 -0.11
C PHE A 93 4.08 -26.27 -0.69
N TYR A 94 4.76 -25.87 -1.78
CA TYR A 94 5.78 -26.75 -2.42
C TYR A 94 6.95 -26.99 -1.45
N ARG A 95 7.38 -25.94 -0.76
CA ARG A 95 8.52 -26.04 0.20
C ARG A 95 8.15 -27.01 1.33
N SER A 96 6.89 -26.95 1.79
CA SER A 96 6.37 -27.78 2.90
C SER A 96 6.15 -29.25 2.50
N HIS A 97 6.17 -29.56 1.20
CA HIS A 97 5.95 -30.95 0.73
C HIS A 97 7.14 -31.48 -0.08
N LYS A 98 8.36 -31.07 0.26
CA LYS A 98 9.56 -31.56 -0.47
C LYS A 98 9.66 -33.08 -0.30
N TYR A 99 9.42 -33.54 0.92
CA TYR A 99 9.44 -34.99 1.27
C TYR A 99 8.01 -35.40 1.62
N CYS A 100 7.60 -36.60 1.21
CA CYS A 100 6.23 -37.06 1.49
C CYS A 100 6.09 -37.38 2.99
N GLY A 101 5.03 -36.88 3.62
CA GLY A 101 4.81 -37.08 5.06
C GLY A 101 4.60 -38.53 5.43
N TYR A 102 3.86 -39.27 4.59
CA TYR A 102 3.57 -40.70 4.85
C TYR A 102 4.82 -41.59 4.77
N CYS A 103 5.68 -41.42 3.76
CA CYS A 103 6.81 -42.38 3.59
C CYS A 103 8.22 -41.76 3.63
N GLY A 104 8.34 -40.43 3.58
CA GLY A 104 9.67 -39.78 3.63
C GLY A 104 10.32 -39.62 2.27
N HIS A 105 9.74 -40.20 1.22
CA HIS A 105 10.33 -40.13 -0.15
C HIS A 105 10.13 -38.74 -0.76
N GLU A 106 11.00 -38.34 -1.68
CA GLU A 106 10.89 -37.02 -2.35
C GLU A 106 9.60 -36.99 -3.18
N MET A 107 8.92 -35.85 -3.20
CA MET A 107 7.64 -35.68 -3.92
C MET A 107 7.87 -34.84 -5.18
N TYR A 108 6.96 -34.93 -6.14
CA TYR A 108 7.06 -34.11 -7.37
C TYR A 108 5.72 -33.41 -7.62
N PRO A 109 5.73 -32.16 -8.12
CA PRO A 109 4.49 -31.43 -8.35
C PRO A 109 3.62 -32.07 -9.43
N SER A 110 2.30 -32.09 -9.21
CA SER A 110 1.37 -32.58 -10.26
C SER A 110 1.34 -31.54 -11.38
N LYS A 111 1.22 -31.96 -12.64
CA LYS A 111 1.19 -30.96 -13.73
C LYS A 111 -0.26 -30.66 -14.15
N THR A 112 -1.23 -31.38 -13.59
CA THR A 112 -2.65 -31.16 -13.97
C THR A 112 -3.41 -30.40 -12.88
N GLU A 113 -2.81 -30.26 -11.70
CA GLU A 113 -3.50 -29.54 -10.58
C GLU A 113 -2.46 -29.07 -9.57
N TRP A 114 -2.88 -28.23 -8.62
CA TRP A 114 -1.96 -27.74 -7.58
C TRP A 114 -1.90 -28.83 -6.51
N ALA A 115 -0.95 -29.76 -6.66
CA ALA A 115 -0.84 -30.87 -5.70
C ALA A 115 0.58 -31.42 -5.72
N MET A 116 0.98 -32.10 -4.65
CA MET A 116 2.31 -32.74 -4.61
C MET A 116 2.04 -34.24 -4.67
N LEU A 117 2.71 -34.95 -5.57
CA LEU A 117 2.50 -36.42 -5.71
C LEU A 117 3.75 -37.15 -5.22
N CYS A 118 3.57 -38.33 -4.62
CA CYS A 118 4.73 -39.07 -4.09
C CYS A 118 5.24 -40.10 -5.09
N SER A 119 6.55 -40.10 -5.29
CA SER A 119 7.30 -41.02 -6.18
C SER A 119 7.16 -42.47 -5.71
N HIS A 120 7.16 -42.67 -4.39
CA HIS A 120 7.12 -44.02 -3.79
C HIS A 120 5.70 -44.45 -3.40
N CYS A 121 4.95 -43.56 -2.74
CA CYS A 121 3.57 -43.81 -2.25
C CYS A 121 2.50 -43.58 -3.29
N ARG A 122 1.27 -43.91 -2.89
CA ARG A 122 0.08 -43.60 -3.69
C ARG A 122 -0.48 -42.25 -3.20
N GLU A 123 0.01 -41.73 -2.05
CA GLU A 123 -0.55 -40.50 -1.44
C GLU A 123 -0.16 -39.18 -2.13
N ARG A 124 -1.01 -38.16 -1.96
CA ARG A 124 -0.82 -36.81 -2.52
C ARG A 124 -1.26 -35.76 -1.50
N TYR A 125 -0.82 -34.52 -1.68
CA TYR A 125 -1.22 -33.41 -0.78
C TYR A 125 -1.71 -32.22 -1.63
N TYR A 126 -2.68 -31.49 -1.10
CA TYR A 126 -3.23 -30.27 -1.76
C TYR A 126 -2.92 -29.09 -0.83
N PRO A 127 -2.83 -27.85 -1.33
CA PRO A 127 -2.49 -26.71 -0.46
C PRO A 127 -3.48 -26.54 0.69
N GLN A 128 -2.95 -26.20 1.87
CA GLN A 128 -3.81 -26.02 3.06
C GLN A 128 -4.36 -24.59 3.05
N ILE A 129 -5.69 -24.46 3.15
CA ILE A 129 -6.38 -23.14 3.20
C ILE A 129 -7.15 -23.09 4.52
N ALA A 130 -6.93 -22.06 5.32
CA ALA A 130 -7.60 -21.95 6.63
C ALA A 130 -8.85 -21.07 6.51
N PRO A 131 -10.07 -21.63 6.65
CA PRO A 131 -11.28 -20.82 6.57
C PRO A 131 -11.33 -19.86 7.78
N CYS A 132 -11.74 -18.63 7.52
CA CYS A 132 -11.85 -17.61 8.58
C CYS A 132 -13.13 -16.82 8.39
N ILE A 133 -13.66 -16.27 9.47
CA ILE A 133 -14.87 -15.40 9.37
C ILE A 133 -14.43 -13.98 9.72
N ILE A 134 -14.99 -12.99 9.04
CA ILE A 134 -14.76 -11.55 9.36
C ILE A 134 -16.14 -10.92 9.35
N VAL A 135 -16.51 -10.17 10.39
CA VAL A 135 -17.89 -9.64 10.44
C VAL A 135 -17.92 -8.16 10.84
N ALA A 136 -18.75 -7.38 10.15
CA ALA A 136 -18.95 -5.95 10.49
C ALA A 136 -20.26 -5.88 11.27
N ILE A 137 -20.21 -5.44 12.53
CA ILE A 137 -21.44 -5.40 13.38
C ILE A 137 -22.01 -3.98 13.38
N ARG A 138 -23.28 -3.86 13.02
CA ARG A 138 -23.94 -2.54 12.93
C ARG A 138 -24.94 -2.38 14.07
N ARG A 139 -24.91 -1.23 14.74
CA ARG A 139 -25.91 -0.90 15.78
C ARG A 139 -26.61 0.38 15.33
N ASP A 140 -27.77 0.25 14.68
CA ASP A 140 -28.49 1.46 14.18
C ASP A 140 -27.59 2.25 13.23
N ASP A 141 -27.26 3.49 13.59
CA ASP A 141 -26.43 4.40 12.75
C ASP A 141 -24.94 4.26 13.07
N SER A 142 -24.55 3.21 13.80
CA SER A 142 -23.13 3.02 14.21
C SER A 142 -22.58 1.66 13.78
N ILE A 143 -21.25 1.57 13.69
CA ILE A 143 -20.51 0.33 13.32
C ILE A 143 -19.48 0.03 14.41
N LEU A 144 -19.32 -1.24 14.79
CA LEU A 144 -18.30 -1.59 15.81
C LEU A 144 -16.94 -1.68 15.12
N LEU A 145 -15.97 -0.89 15.58
CA LEU A 145 -14.60 -0.93 15.03
C LEU A 145 -13.64 -1.16 16.20
N ALA A 146 -12.65 -2.04 16.01
CA ALA A 146 -11.71 -2.40 17.09
C ALA A 146 -10.26 -2.11 16.68
N GLN A 147 -9.44 -1.78 17.67
CA GLN A 147 -8.00 -1.50 17.47
C GLN A 147 -7.22 -2.68 18.07
N HIS A 148 -6.39 -3.33 17.26
CA HIS A 148 -5.64 -4.54 17.70
C HIS A 148 -4.42 -4.15 18.55
N THR A 149 -4.22 -4.82 19.69
CA THR A 149 -3.03 -4.57 20.54
C THR A 149 -1.77 -5.04 19.81
N ARG A 150 -1.87 -6.15 19.07
CA ARG A 150 -0.68 -6.74 18.38
C ARG A 150 -0.06 -5.70 17.43
N HIS A 151 -0.86 -4.92 16.70
CA HIS A 151 -0.27 -3.88 15.81
C HIS A 151 -0.90 -2.53 16.16
N ARG A 152 -0.11 -1.61 16.73
CA ARG A 152 -0.64 -0.25 17.07
C ARG A 152 -0.47 0.68 15.85
N ASN A 153 -1.14 0.36 14.74
CA ASN A 153 -1.01 1.13 13.48
C ASN A 153 -2.04 2.27 13.44
N GLY A 154 -2.94 2.32 14.42
CA GLY A 154 -3.97 3.38 14.42
C GLY A 154 -5.17 3.05 13.54
N VAL A 155 -5.17 1.88 12.88
CA VAL A 155 -6.30 1.47 12.00
C VAL A 155 -7.35 0.83 12.91
N HIS A 156 -8.62 1.18 12.68
CA HIS A 156 -9.75 0.58 13.42
C HIS A 156 -10.42 -0.39 12.43
N THR A 157 -10.67 -1.63 12.85
CA THR A 157 -11.21 -2.61 11.89
C THR A 157 -12.27 -3.50 12.54
N VAL A 158 -12.91 -4.34 11.73
CA VAL A 158 -13.97 -5.32 12.15
C VAL A 158 -13.33 -6.55 12.80
N LEU A 159 -14.15 -7.40 13.43
CA LEU A 159 -13.69 -8.63 14.13
C LEU A 159 -13.49 -9.80 13.16
N ALA A 160 -12.44 -10.59 13.38
CA ALA A 160 -12.15 -11.77 12.53
C ALA A 160 -11.56 -12.92 13.36
N GLY A 161 -11.77 -14.16 12.92
CA GLY A 161 -11.22 -15.35 13.62
C GLY A 161 -11.22 -16.61 12.75
N PHE A 162 -10.34 -17.57 13.09
CA PHE A 162 -10.25 -18.86 12.35
C PHE A 162 -11.46 -19.74 12.67
N VAL A 163 -11.92 -20.51 11.68
CA VAL A 163 -13.07 -21.44 11.91
C VAL A 163 -12.51 -22.70 12.58
N GLU A 164 -13.15 -23.13 13.67
CA GLU A 164 -12.72 -24.33 14.44
C GLU A 164 -13.20 -25.61 13.77
N VAL A 165 -12.64 -26.74 14.19
CA VAL A 165 -13.02 -28.09 13.67
C VAL A 165 -14.47 -28.36 14.04
N GLY A 166 -15.23 -28.99 13.14
CA GLY A 166 -16.66 -29.33 13.37
C GLY A 166 -17.53 -28.11 13.62
N GLU A 167 -17.20 -26.98 12.99
CA GLU A 167 -17.97 -25.72 13.19
C GLU A 167 -18.45 -25.17 11.84
N THR A 168 -19.67 -24.63 11.80
CA THR A 168 -20.21 -23.95 10.60
C THR A 168 -19.68 -22.52 10.58
N LEU A 169 -19.82 -21.81 9.46
CA LEU A 169 -19.36 -20.40 9.40
C LEU A 169 -20.16 -19.57 10.41
N GLU A 170 -21.47 -19.82 10.51
CA GLU A 170 -22.36 -19.06 11.43
C GLU A 170 -21.93 -19.31 12.89
N GLN A 171 -21.59 -20.54 13.23
CA GLN A 171 -21.15 -20.85 14.62
C GLN A 171 -19.85 -20.11 14.92
N ALA A 172 -18.94 -20.07 13.95
CA ALA A 172 -17.64 -19.40 14.12
C ALA A 172 -17.87 -17.91 14.37
N VAL A 173 -18.80 -17.29 13.65
CA VAL A 173 -19.07 -15.83 13.83
C VAL A 173 -19.57 -15.59 15.26
N ALA A 174 -20.51 -16.42 15.72
CA ALA A 174 -21.09 -16.24 17.07
C ALA A 174 -20.01 -16.42 18.14
N ARG A 175 -19.20 -17.48 18.00
CA ARG A 175 -18.13 -17.77 18.99
C ARG A 175 -17.07 -16.67 18.96
N GLU A 176 -16.62 -16.29 17.77
CA GLU A 176 -15.53 -15.28 17.67
C GLU A 176 -16.01 -13.93 18.22
N VAL A 177 -17.23 -13.51 17.87
CA VAL A 177 -17.74 -12.20 18.35
C VAL A 177 -17.89 -12.25 19.88
N MET A 178 -18.43 -13.34 20.41
CA MET A 178 -18.61 -13.46 21.88
C MET A 178 -17.25 -13.48 22.57
N GLU A 179 -16.31 -14.25 22.05
CA GLU A 179 -14.97 -14.36 22.70
C GLU A 179 -14.24 -13.00 22.68
N GLN A 180 -14.25 -12.33 21.53
CA GLN A 180 -13.56 -11.02 21.35
C GLN A 180 -14.27 -9.84 22.01
N SER A 181 -15.60 -9.75 21.92
CA SER A 181 -16.29 -8.54 22.41
C SER A 181 -17.40 -8.79 23.45
N GLY A 182 -17.81 -10.04 23.68
CA GLY A 182 -18.89 -10.35 24.65
C GLY A 182 -20.27 -9.97 24.13
N ILE A 183 -20.39 -9.78 22.81
CA ILE A 183 -21.63 -9.30 22.11
C ILE A 183 -22.32 -10.47 21.41
N LYS A 184 -23.65 -10.46 21.39
CA LYS A 184 -24.47 -11.44 20.67
C LYS A 184 -25.03 -10.68 19.45
N VAL A 185 -25.01 -11.30 18.27
CA VAL A 185 -25.46 -10.61 17.02
C VAL A 185 -26.65 -11.35 16.40
N LYS A 186 -27.39 -10.65 15.56
CA LYS A 186 -28.59 -11.19 14.86
C LYS A 186 -28.57 -10.75 13.39
N ASN A 187 -29.42 -11.37 12.57
CA ASN A 187 -29.53 -11.03 11.13
C ASN A 187 -28.17 -11.19 10.46
N LEU A 188 -27.45 -12.28 10.75
CA LEU A 188 -26.13 -12.51 10.12
C LEU A 188 -26.36 -12.72 8.62
N ARG A 189 -25.64 -12.00 7.77
CA ARG A 189 -25.77 -12.18 6.30
C ARG A 189 -24.40 -12.29 5.65
N TYR A 190 -24.17 -13.33 4.85
CA TYR A 190 -22.89 -13.50 4.12
C TYR A 190 -22.81 -12.41 3.06
N VAL A 191 -21.64 -11.84 2.84
CA VAL A 191 -21.51 -10.79 1.79
C VAL A 191 -20.60 -11.30 0.65
N THR A 192 -19.39 -11.72 0.99
CA THR A 192 -18.41 -12.19 -0.02
C THR A 192 -17.26 -12.91 0.68
N SER A 193 -16.31 -13.42 -0.11
CA SER A 193 -15.12 -14.14 0.43
C SER A 193 -13.87 -13.56 -0.22
N GLN A 194 -12.73 -13.65 0.47
CA GLN A 194 -11.46 -13.19 -0.12
C GLN A 194 -10.32 -14.10 0.34
N PRO A 195 -9.48 -14.63 -0.56
CA PRO A 195 -8.34 -15.42 -0.14
C PRO A 195 -7.39 -14.40 0.50
N TRP A 196 -6.91 -14.69 1.70
CA TRP A 196 -6.01 -13.76 2.41
C TRP A 196 -4.73 -14.55 2.70
N PRO A 197 -3.63 -14.35 1.96
CA PRO A 197 -2.42 -15.16 2.15
C PRO A 197 -1.52 -14.68 3.29
N PHE A 198 -2.06 -14.66 4.51
CA PHE A 198 -1.34 -14.25 5.74
C PHE A 198 -1.59 -15.27 6.85
N PRO A 199 -0.93 -16.46 6.89
CA PRO A 199 -0.32 -17.12 5.72
C PRO A 199 -1.17 -17.78 4.63
N GLN A 200 -2.27 -18.44 5.00
CA GLN A 200 -3.09 -19.13 3.96
C GLN A 200 -4.57 -19.14 4.35
N SER A 201 -5.16 -17.96 4.59
CA SER A 201 -6.57 -17.90 5.04
C SER A 201 -7.54 -17.66 3.88
N LEU A 202 -8.76 -18.17 4.04
CA LEU A 202 -9.87 -17.88 3.10
C LEU A 202 -10.91 -17.16 3.96
N MET A 203 -11.00 -15.85 3.79
CA MET A 203 -11.89 -14.99 4.59
C MET A 203 -13.30 -15.11 4.08
N THR A 204 -14.24 -15.36 4.97
CA THR A 204 -15.66 -15.32 4.61
C THR A 204 -16.26 -14.11 5.31
N ALA A 205 -16.90 -13.24 4.53
CA ALA A 205 -17.29 -11.92 5.00
C ALA A 205 -18.78 -11.91 5.26
N PHE A 206 -19.16 -11.45 6.45
CA PHE A 206 -20.52 -11.34 6.89
C PHE A 206 -20.78 -9.92 7.38
N MET A 207 -22.05 -9.54 7.35
CA MET A 207 -22.60 -8.39 8.06
C MET A 207 -23.54 -8.91 9.15
N ALA A 208 -23.65 -8.16 10.25
CA ALA A 208 -24.49 -8.60 11.37
C ALA A 208 -24.99 -7.36 12.11
N GLU A 209 -26.02 -7.55 12.93
CA GLU A 209 -26.56 -6.43 13.69
C GLU A 209 -26.51 -6.74 15.19
N TYR A 210 -26.30 -5.68 15.98
CA TYR A 210 -26.24 -5.83 17.43
C TYR A 210 -27.56 -6.37 17.94
N ASP A 211 -27.49 -7.43 18.74
CA ASP A 211 -28.65 -7.97 19.43
C ASP A 211 -28.63 -7.62 20.92
N SER A 212 -27.61 -8.05 21.65
CA SER A 212 -27.52 -7.83 23.09
C SER A 212 -26.08 -8.09 23.53
N GLY A 213 -25.78 -7.66 24.74
CA GLY A 213 -24.49 -7.91 25.34
C GLY A 213 -23.67 -6.63 25.49
N ASP A 214 -22.79 -6.65 26.49
CA ASP A 214 -21.88 -5.54 26.75
C ASP A 214 -20.51 -5.82 26.17
N ILE A 215 -19.82 -4.75 25.80
CA ILE A 215 -18.48 -4.85 25.21
C ILE A 215 -17.51 -5.24 26.32
N VAL A 216 -16.97 -6.46 26.22
CA VAL A 216 -15.95 -6.99 27.12
C VAL A 216 -14.87 -7.57 26.23
N ILE A 217 -13.68 -6.96 26.25
CA ILE A 217 -12.59 -7.34 25.37
C ILE A 217 -11.39 -7.80 26.20
N ASP A 218 -10.52 -8.58 25.56
CA ASP A 218 -9.27 -9.03 26.18
C ASP A 218 -8.19 -7.97 25.98
N PRO A 219 -7.70 -7.33 27.04
CA PRO A 219 -6.65 -6.30 26.87
C PRO A 219 -5.42 -6.82 26.14
N LYS A 220 -5.19 -8.13 26.17
CA LYS A 220 -4.04 -8.65 25.49
C LYS A 220 -4.28 -8.70 24.00
N GLU A 221 -5.54 -8.71 23.57
CA GLU A 221 -5.69 -8.80 22.13
C GLU A 221 -6.25 -7.53 21.48
N LEU A 222 -7.12 -6.81 22.18
CA LEU A 222 -7.70 -5.57 21.66
C LEU A 222 -7.40 -4.43 22.61
N LEU A 223 -7.00 -3.30 22.05
CA LEU A 223 -6.85 -2.09 22.85
C LEU A 223 -8.19 -1.46 23.14
N GLU A 224 -9.07 -1.48 22.15
CA GLU A 224 -10.37 -0.87 22.41
C GLU A 224 -11.32 -1.34 21.34
N ALA A 225 -12.61 -1.18 21.63
CA ALA A 225 -13.65 -1.47 20.64
C ALA A 225 -14.78 -0.48 20.90
N ASN A 226 -15.14 0.30 19.89
CA ASN A 226 -16.15 1.34 20.10
C ASN A 226 -17.04 1.40 18.88
N TRP A 227 -18.24 1.96 19.11
CA TRP A 227 -19.22 2.20 18.07
C TRP A 227 -18.93 3.57 17.47
N TYR A 228 -18.78 3.61 16.15
CA TYR A 228 -18.52 4.85 15.43
C TYR A 228 -19.67 5.12 14.46
N ARG A 229 -20.05 6.37 14.29
CA ARG A 229 -21.19 6.62 13.43
C ARG A 229 -20.74 6.41 11.98
N TYR A 230 -21.65 5.90 11.15
CA TYR A 230 -21.30 5.51 9.78
C TYR A 230 -20.68 6.66 8.99
N ASP A 231 -21.02 7.91 9.29
CA ASP A 231 -20.50 9.03 8.47
C ASP A 231 -19.30 9.69 9.14
N ASP A 232 -18.88 9.22 10.31
CA ASP A 232 -17.72 9.82 11.01
C ASP A 232 -16.80 8.68 11.50
N LEU A 233 -16.17 7.97 10.58
CA LEU A 233 -15.30 6.81 10.91
C LEU A 233 -13.85 7.24 11.11
N PRO A 234 -13.07 6.49 11.92
CA PRO A 234 -11.64 6.75 12.14
C PRO A 234 -10.77 6.08 11.06
N LEU A 235 -9.45 6.00 11.29
CA LEU A 235 -8.58 5.36 10.26
C LEU A 235 -9.05 3.92 10.03
N LEU A 236 -9.21 3.54 8.77
CA LEU A 236 -9.74 2.20 8.41
C LEU A 236 -8.69 1.42 7.63
N PRO A 237 -8.80 0.08 7.53
CA PRO A 237 -7.85 -0.74 6.76
C PRO A 237 -8.09 -0.26 5.33
N PRO A 238 -6.99 -0.03 4.33
CA PRO A 238 -6.99 0.54 2.98
C PRO A 238 -7.78 -0.39 2.06
N PRO A 239 -8.36 0.05 0.75
CA PRO A 239 -9.12 -0.66 -0.27
C PRO A 239 -8.34 -1.89 -0.71
N GLY A 240 -9.07 -2.90 -1.11
CA GLY A 240 -8.47 -4.18 -1.38
C GLY A 240 -8.66 -5.18 -0.25
N THR A 241 -8.97 -4.72 0.96
CA THR A 241 -9.30 -5.65 2.03
C THR A 241 -10.80 -5.86 2.04
N VAL A 242 -11.21 -7.10 2.33
CA VAL A 242 -12.64 -7.37 2.47
C VAL A 242 -13.16 -6.66 3.72
N ALA A 243 -12.29 -6.41 4.69
CA ALA A 243 -12.69 -5.65 5.88
C ALA A 243 -13.21 -4.26 5.50
N ARG A 244 -12.46 -3.54 4.65
CA ARG A 244 -12.96 -2.23 4.20
C ARG A 244 -14.25 -2.37 3.41
N ARG A 245 -14.35 -3.40 2.58
CA ARG A 245 -15.60 -3.60 1.83
C ARG A 245 -16.80 -3.77 2.76
N LEU A 246 -16.65 -4.58 3.83
CA LEU A 246 -17.74 -4.72 4.79
C LEU A 246 -18.09 -3.38 5.43
N ILE A 247 -17.06 -2.60 5.74
CA ILE A 247 -17.32 -1.30 6.37
C ILE A 247 -18.07 -0.39 5.40
N GLU A 248 -17.58 -0.30 4.16
CA GLU A 248 -18.24 0.55 3.17
C GLU A 248 -19.65 0.06 2.84
N ASP A 249 -19.87 -1.26 2.74
CA ASP A 249 -21.22 -1.74 2.50
C ASP A 249 -22.13 -1.41 3.68
N THR A 250 -21.62 -1.52 4.90
CA THR A 250 -22.43 -1.17 6.06
C THR A 250 -22.81 0.30 6.04
N VAL A 251 -21.84 1.16 5.71
CA VAL A 251 -22.10 2.59 5.59
C VAL A 251 -23.16 2.84 4.53
N ALA A 252 -23.04 2.17 3.39
CA ALA A 252 -24.02 2.36 2.31
C ALA A 252 -25.43 1.97 2.78
N MET A 253 -25.54 0.90 3.56
CA MET A 253 -26.85 0.54 4.08
C MET A 253 -27.39 1.62 5.01
N CYS A 254 -26.51 2.19 5.83
CA CYS A 254 -26.99 3.24 6.73
C CYS A 254 -27.42 4.47 5.96
N ARG A 255 -26.66 4.82 4.92
CA ARG A 255 -27.01 5.96 4.08
C ARG A 255 -28.34 5.74 3.38
N ALA A 256 -28.61 4.53 2.92
CA ALA A 256 -29.90 4.26 2.31
C ALA A 256 -31.03 4.36 3.31
N GLU A 257 -30.80 3.96 4.55
CA GLU A 257 -31.93 3.99 5.51
C GLU A 257 -32.09 5.36 6.17
N TYR A 258 -31.02 6.15 6.28
CA TYR A 258 -31.14 7.39 7.03
C TYR A 258 -31.07 8.66 6.16
N TRP B 14 -16.81 -44.56 24.16
CA TRP B 14 -16.72 -44.90 22.74
C TRP B 14 -15.29 -45.14 22.30
N TRP B 15 -15.07 -46.21 21.55
CA TRP B 15 -13.75 -46.61 21.12
C TRP B 15 -13.69 -46.55 19.59
N VAL B 16 -12.95 -45.57 19.07
CA VAL B 16 -12.71 -45.40 17.63
C VAL B 16 -11.31 -45.92 17.33
N VAL B 17 -11.22 -47.12 16.77
CA VAL B 17 -9.95 -47.72 16.38
C VAL B 17 -9.80 -47.53 14.88
N SER B 18 -8.82 -46.72 14.46
CA SER B 18 -8.74 -46.25 13.09
C SER B 18 -7.36 -46.50 12.50
N HIS B 19 -7.34 -46.79 11.19
CA HIS B 19 -6.08 -46.94 10.47
C HIS B 19 -6.36 -46.82 8.98
N GLU B 20 -5.52 -46.05 8.30
CA GLU B 20 -5.60 -45.78 6.87
C GLU B 20 -7.02 -45.47 6.41
N GLN B 21 -7.62 -44.47 7.07
CA GLN B 21 -8.94 -43.95 6.71
C GLN B 21 -10.04 -44.98 6.91
N LYS B 22 -9.78 -46.04 7.68
CA LYS B 22 -10.80 -47.02 8.04
C LYS B 22 -10.92 -47.05 9.55
N LEU B 23 -12.01 -47.63 10.05
CA LEU B 23 -12.19 -47.78 11.49
C LEU B 23 -12.80 -49.13 11.80
N TRP B 24 -12.50 -49.65 13.00
CA TRP B 24 -12.94 -50.99 13.38
C TRP B 24 -14.41 -50.97 13.74
N LEU B 25 -15.20 -51.72 12.98
CA LEU B 25 -16.64 -51.76 13.17
C LEU B 25 -17.13 -53.20 13.32
N PRO B 26 -17.01 -53.78 14.54
CA PRO B 26 -17.53 -55.14 14.74
C PRO B 26 -19.00 -55.19 14.36
N LYS B 27 -19.33 -56.05 13.41
CA LYS B 27 -20.73 -56.19 13.02
C LYS B 27 -21.29 -54.90 12.44
N GLY B 28 -20.46 -53.96 12.00
CA GLY B 28 -20.99 -52.70 11.52
C GLY B 28 -21.30 -51.71 12.61
N GLU B 29 -20.88 -52.02 13.83
CA GLU B 29 -21.20 -51.17 15.00
C GLU B 29 -19.92 -50.44 15.46
N LEU B 30 -20.08 -49.19 15.89
CA LEU B 30 -18.96 -48.42 16.45
C LEU B 30 -18.71 -48.95 17.86
N PRO B 31 -17.50 -49.44 18.17
CA PRO B 31 -17.27 -50.02 19.49
C PRO B 31 -17.68 -49.13 20.66
N TYR B 32 -18.39 -49.72 21.62
CA TYR B 32 -18.90 -49.03 22.79
C TYR B 32 -18.90 -49.99 23.97
N GLY B 33 -18.39 -49.52 25.09
CA GLY B 33 -18.32 -50.40 26.23
C GLY B 33 -16.92 -50.22 26.73
N GLU B 34 -16.22 -51.29 27.05
CA GLU B 34 -14.86 -51.04 27.52
C GLU B 34 -13.80 -51.94 26.89
N ALA B 35 -12.60 -51.41 27.11
CA ALA B 35 -11.35 -51.91 26.58
C ALA B 35 -11.13 -53.39 26.80
N ALA B 36 -11.59 -53.93 27.93
CA ALA B 36 -11.40 -55.35 28.18
C ALA B 36 -12.08 -56.20 27.11
N ASN B 37 -13.20 -55.73 26.58
CA ASN B 37 -13.95 -56.48 25.58
C ASN B 37 -13.53 -56.16 24.16
N PHE B 38 -12.60 -55.24 23.97
CA PHE B 38 -12.14 -54.83 22.65
C PHE B 38 -10.63 -55.00 22.46
N ASP B 39 -9.94 -55.68 23.39
CA ASP B 39 -8.48 -55.82 23.29
C ASP B 39 -7.72 -54.50 23.21
N LEU B 40 -8.17 -53.56 24.00
CA LEU B 40 -7.49 -52.28 24.06
C LEU B 40 -6.67 -52.20 25.34
N VAL B 41 -6.61 -53.30 26.09
CA VAL B 41 -5.87 -53.38 27.35
C VAL B 41 -4.38 -53.17 27.05
N GLY B 42 -3.78 -52.18 27.70
CA GLY B 42 -2.40 -51.87 27.39
C GLY B 42 -2.12 -51.08 26.12
N GLN B 43 -3.13 -50.57 25.42
CA GLN B 43 -2.82 -49.83 24.21
C GLN B 43 -2.91 -48.32 24.40
N ARG B 44 -2.35 -47.57 23.41
CA ARG B 44 -2.55 -46.14 23.62
C ARG B 44 -3.81 -45.65 22.93
N ALA B 45 -4.39 -44.68 23.65
CA ALA B 45 -5.67 -44.06 23.26
C ALA B 45 -5.62 -42.59 23.62
N LEU B 46 -6.29 -41.77 22.83
CA LEU B 46 -6.38 -40.35 23.08
C LEU B 46 -7.86 -39.98 23.06
N GLN B 47 -8.32 -39.31 24.11
CA GLN B 47 -9.70 -38.84 24.17
C GLN B 47 -9.89 -37.69 23.21
N ILE B 48 -10.79 -37.88 22.23
CA ILE B 48 -11.02 -36.89 21.20
C ILE B 48 -12.36 -36.17 21.34
N GLY B 49 -13.24 -36.62 22.23
CA GLY B 49 -14.48 -35.88 22.38
C GLY B 49 -15.36 -36.51 23.43
N GLU B 50 -16.64 -36.11 23.42
CA GLU B 50 -17.61 -36.60 24.40
C GLU B 50 -19.00 -36.59 23.81
N TRP B 51 -19.75 -37.69 24.02
CA TRP B 51 -21.09 -37.86 23.46
C TRP B 51 -21.99 -38.52 24.49
N GLN B 52 -23.14 -37.90 24.76
CA GLN B 52 -24.12 -38.37 25.75
C GLN B 52 -23.45 -38.48 27.12
N GLY B 53 -22.54 -37.56 27.39
CA GLY B 53 -21.91 -37.50 28.67
C GLY B 53 -20.78 -38.49 28.84
N GLU B 54 -20.38 -39.19 27.78
CA GLU B 54 -19.29 -40.15 27.99
C GLU B 54 -18.14 -39.95 27.01
N PRO B 55 -16.91 -40.20 27.47
CA PRO B 55 -15.75 -39.97 26.61
C PRO B 55 -15.76 -40.76 25.31
N VAL B 56 -15.16 -40.14 24.29
CA VAL B 56 -14.88 -40.75 22.99
C VAL B 56 -13.38 -40.82 22.81
N TRP B 57 -12.87 -42.04 22.56
CA TRP B 57 -11.46 -42.37 22.47
C TRP B 57 -11.04 -42.71 21.04
N LEU B 58 -9.81 -42.33 20.71
CA LEU B 58 -9.16 -42.67 19.44
C LEU B 58 -7.97 -43.60 19.65
N VAL B 59 -7.95 -44.74 18.96
CA VAL B 59 -6.84 -45.67 19.03
C VAL B 59 -6.26 -45.86 17.63
N GLN B 60 -4.95 -45.60 17.48
CA GLN B 60 -4.22 -45.80 16.22
C GLN B 60 -3.68 -47.22 16.19
N GLN B 61 -4.51 -48.12 15.67
CA GLN B 61 -4.20 -49.54 15.66
C GLN B 61 -4.96 -50.19 14.51
N GLN B 62 -4.34 -51.14 13.83
CA GLN B 62 -5.03 -51.85 12.73
C GLN B 62 -5.61 -53.17 13.26
N ARG B 63 -6.70 -53.64 12.68
CA ARG B 63 -7.36 -54.90 13.14
C ARG B 63 -7.34 -55.92 12.00
N ARG B 64 -7.27 -57.21 12.33
CA ARG B 64 -7.22 -58.27 11.30
C ARG B 64 -8.49 -58.22 10.46
N HIS B 65 -9.65 -58.01 11.09
CA HIS B 65 -10.94 -57.96 10.36
C HIS B 65 -11.83 -56.84 10.91
N ASP B 66 -12.85 -56.46 10.13
CA ASP B 66 -13.91 -55.46 10.44
C ASP B 66 -13.46 -54.01 10.24
N MET B 67 -12.28 -53.77 9.67
CA MET B 67 -11.90 -52.35 9.42
C MET B 67 -12.86 -51.81 8.35
N GLY B 68 -13.41 -50.61 8.55
CA GLY B 68 -14.39 -50.06 7.60
C GLY B 68 -14.27 -48.55 7.40
N SER B 69 -14.85 -48.05 6.31
CA SER B 69 -14.85 -46.60 5.99
C SER B 69 -15.90 -45.85 6.81
N VAL B 70 -15.73 -44.53 6.92
CA VAL B 70 -16.60 -43.58 7.68
C VAL B 70 -18.03 -43.54 7.12
N ARG B 71 -18.20 -43.81 5.82
CA ARG B 71 -19.53 -43.80 5.13
C ARG B 71 -20.48 -44.84 5.76
N GLN B 72 -19.94 -45.97 6.21
CA GLN B 72 -20.74 -47.07 6.84
C GLN B 72 -21.43 -46.57 8.12
N VAL B 73 -20.78 -45.68 8.88
CA VAL B 73 -21.36 -45.18 10.17
C VAL B 73 -22.09 -43.85 9.96
N ILE B 74 -22.39 -43.48 8.70
CA ILE B 74 -23.09 -42.20 8.34
C ILE B 74 -24.52 -42.17 8.91
N ASP B 75 -25.16 -43.34 9.08
CA ASP B 75 -26.56 -43.49 9.60
C ASP B 75 -26.67 -43.20 11.10
N LEU B 76 -25.54 -43.06 11.82
CA LEU B 76 -25.46 -42.81 13.29
C LEU B 76 -25.81 -41.35 13.64
N ASP B 77 -25.83 -41.07 14.94
CA ASP B 77 -26.11 -39.71 15.46
C ASP B 77 -25.12 -38.72 14.84
N VAL B 78 -25.61 -37.53 14.48
CA VAL B 78 -24.73 -36.53 13.82
C VAL B 78 -23.56 -36.19 14.76
N GLY B 79 -23.82 -36.00 16.05
CA GLY B 79 -22.70 -35.67 16.95
C GLY B 79 -21.69 -36.80 16.97
N LEU B 80 -22.16 -38.03 17.12
CA LEU B 80 -21.27 -39.22 17.16
C LEU B 80 -20.61 -39.42 15.79
N PHE B 81 -21.35 -39.22 14.71
CA PHE B 81 -20.72 -39.43 13.38
C PHE B 81 -19.58 -38.43 13.19
N GLN B 82 -19.82 -37.18 13.59
CA GLN B 82 -18.78 -36.12 13.43
C GLN B 82 -17.55 -36.47 14.27
N LEU B 83 -17.76 -37.00 15.48
CA LEU B 83 -16.68 -37.36 16.38
C LEU B 83 -15.88 -38.58 15.88
N ALA B 84 -16.57 -39.57 15.35
CA ALA B 84 -15.88 -40.74 14.81
C ALA B 84 -15.05 -40.36 13.58
N GLY B 85 -15.63 -39.59 12.66
CA GLY B 85 -14.87 -39.15 11.51
C GLY B 85 -13.74 -38.21 11.87
N ARG B 86 -13.95 -37.36 12.87
CA ARG B 86 -12.88 -36.50 13.37
C ARG B 86 -11.71 -37.34 13.85
N GLY B 87 -12.00 -38.41 14.60
CA GLY B 87 -10.95 -39.32 15.04
C GLY B 87 -10.21 -39.96 13.88
N VAL B 88 -10.96 -40.40 12.87
CA VAL B 88 -10.33 -40.98 11.69
C VAL B 88 -9.42 -39.95 11.02
N GLN B 89 -9.90 -38.71 10.89
CA GLN B 89 -9.10 -37.66 10.29
C GLN B 89 -7.86 -37.37 11.13
N LEU B 90 -8.01 -37.37 12.45
CA LEU B 90 -6.87 -37.10 13.32
C LEU B 90 -5.82 -38.23 13.23
N ALA B 91 -6.27 -39.49 13.24
CA ALA B 91 -5.33 -40.61 13.05
C ALA B 91 -4.65 -40.51 11.68
N GLU B 92 -5.41 -40.16 10.64
CA GLU B 92 -4.84 -39.95 9.30
C GLU B 92 -3.94 -38.73 9.25
N PHE B 93 -4.28 -37.65 9.96
CA PHE B 93 -3.38 -36.51 10.08
C PHE B 93 -2.02 -36.94 10.62
N TYR B 94 -2.03 -37.69 11.73
CA TYR B 94 -0.76 -38.15 12.31
C TYR B 94 -0.02 -39.07 11.32
N ARG B 95 -0.75 -39.96 10.64
CA ARG B 95 -0.11 -40.82 9.64
C ARG B 95 0.50 -40.01 8.50
N SER B 96 -0.21 -38.98 8.05
CA SER B 96 0.21 -38.12 6.94
C SER B 96 1.43 -37.28 7.28
N HIS B 97 1.81 -37.18 8.54
CA HIS B 97 2.99 -36.39 8.84
C HIS B 97 3.98 -37.15 9.74
N LYS B 98 4.12 -38.46 9.53
CA LYS B 98 5.19 -39.20 10.18
C LYS B 98 6.55 -38.58 9.87
N TYR B 99 6.70 -38.15 8.61
CA TYR B 99 7.94 -37.48 8.16
C TYR B 99 7.63 -36.01 7.88
N CYS B 100 8.59 -35.15 8.21
CA CYS B 100 8.43 -33.69 7.99
C CYS B 100 8.60 -33.41 6.50
N GLY B 101 7.63 -32.70 5.90
CA GLY B 101 7.68 -32.37 4.47
C GLY B 101 8.86 -31.47 4.13
N TYR B 102 9.20 -30.54 5.02
CA TYR B 102 10.31 -29.59 4.77
C TYR B 102 11.70 -30.26 4.77
N CYS B 103 12.00 -31.11 5.75
CA CYS B 103 13.40 -31.62 5.84
C CYS B 103 13.50 -33.15 5.68
N GLY B 104 12.40 -33.88 5.85
CA GLY B 104 12.42 -35.34 5.68
C GLY B 104 12.64 -36.09 6.99
N HIS B 105 13.00 -35.40 8.06
CA HIS B 105 13.23 -36.09 9.32
C HIS B 105 11.89 -36.47 9.96
N GLU B 106 11.95 -37.46 10.85
CA GLU B 106 10.73 -37.95 11.50
C GLU B 106 10.16 -36.90 12.47
N MET B 107 8.83 -36.85 12.55
CA MET B 107 8.13 -35.92 13.43
C MET B 107 7.52 -36.68 14.60
N TYR B 108 6.95 -35.92 15.54
CA TYR B 108 6.27 -36.48 16.71
C TYR B 108 5.10 -35.59 17.09
N PRO B 109 4.07 -36.16 17.71
CA PRO B 109 2.87 -35.37 18.04
C PRO B 109 3.10 -34.46 19.24
N SER B 110 2.44 -33.30 19.19
CA SER B 110 2.45 -32.37 20.31
C SER B 110 1.62 -32.91 21.47
N LYS B 111 2.10 -32.63 22.68
CA LYS B 111 1.39 -33.01 23.89
C LYS B 111 0.42 -31.93 24.36
N THR B 112 0.46 -30.74 23.75
CA THR B 112 -0.39 -29.65 24.17
C THR B 112 -1.53 -29.31 23.19
N GLU B 113 -1.39 -29.66 21.92
CA GLU B 113 -2.41 -29.37 20.93
C GLU B 113 -2.31 -30.42 19.82
N TRP B 114 -3.36 -30.48 19.00
CA TRP B 114 -3.41 -31.42 17.88
C TRP B 114 -2.50 -30.89 16.77
N ALA B 115 -1.27 -31.38 16.76
CA ALA B 115 -0.29 -30.92 15.79
C ALA B 115 0.91 -31.86 15.80
N MET B 116 1.70 -31.81 14.75
CA MET B 116 2.93 -32.58 14.65
C MET B 116 4.12 -31.62 14.69
N LEU B 117 5.15 -32.01 15.45
CA LEU B 117 6.38 -31.21 15.61
C LEU B 117 7.54 -31.95 14.94
N CYS B 118 8.48 -31.21 14.37
CA CYS B 118 9.62 -31.85 13.68
C CYS B 118 10.78 -32.05 14.66
N SER B 119 11.36 -33.25 14.63
CA SER B 119 12.52 -33.62 15.50
C SER B 119 13.74 -32.78 15.14
N HIS B 120 13.90 -32.46 13.85
CA HIS B 120 15.09 -31.75 13.32
C HIS B 120 14.91 -30.25 13.11
N CYS B 121 13.78 -29.81 12.55
CA CYS B 121 13.61 -28.35 12.24
C CYS B 121 12.41 -27.75 12.98
N ARG B 122 12.32 -26.43 12.97
CA ARG B 122 11.27 -25.70 13.72
C ARG B 122 9.88 -25.82 13.06
N GLU B 123 9.77 -26.35 11.84
CA GLU B 123 8.46 -26.34 11.18
C GLU B 123 7.51 -27.37 11.82
N ARG B 124 6.20 -27.16 11.60
CA ARG B 124 5.13 -28.00 12.16
C ARG B 124 3.94 -28.05 11.25
N TYR B 125 3.09 -29.00 11.53
CA TYR B 125 1.85 -29.08 10.77
C TYR B 125 0.66 -29.08 11.71
N TYR B 126 -0.46 -28.58 11.20
CA TYR B 126 -1.78 -28.53 11.81
C TYR B 126 -2.81 -29.21 10.91
N PRO B 127 -3.86 -29.80 11.51
CA PRO B 127 -4.91 -30.46 10.70
C PRO B 127 -5.50 -29.55 9.63
N GLN B 128 -5.69 -30.10 8.43
CA GLN B 128 -6.18 -29.39 7.26
C GLN B 128 -7.71 -29.40 7.19
N ILE B 129 -8.32 -28.22 7.00
CA ILE B 129 -9.75 -28.14 6.68
C ILE B 129 -9.86 -27.69 5.23
N ALA B 130 -10.43 -28.54 4.39
CA ALA B 130 -10.48 -28.23 2.98
C ALA B 130 -11.76 -27.47 2.67
N PRO B 131 -11.70 -26.17 2.39
CA PRO B 131 -12.93 -25.45 2.03
C PRO B 131 -13.44 -25.93 0.69
N CYS B 132 -14.77 -26.08 0.58
CA CYS B 132 -15.38 -26.54 -0.67
C CYS B 132 -16.76 -25.89 -0.86
N ILE B 133 -17.25 -25.94 -2.10
CA ILE B 133 -18.54 -25.36 -2.43
C ILE B 133 -19.50 -26.42 -2.94
N ILE B 134 -20.78 -26.06 -2.86
CA ILE B 134 -21.87 -26.84 -3.44
C ILE B 134 -22.90 -25.83 -3.95
N VAL B 135 -23.44 -26.05 -5.14
CA VAL B 135 -24.27 -25.02 -5.78
C VAL B 135 -25.38 -25.67 -6.58
N ALA B 136 -26.59 -25.12 -6.41
CA ALA B 136 -27.79 -25.48 -7.17
C ALA B 136 -28.07 -24.39 -8.21
N ILE B 137 -28.09 -24.78 -9.47
CA ILE B 137 -28.25 -23.85 -10.58
C ILE B 137 -29.69 -23.92 -11.08
N ARG B 138 -30.35 -22.77 -11.10
CA ARG B 138 -31.76 -22.70 -11.55
C ARG B 138 -31.83 -22.08 -12.95
N ARG B 139 -32.57 -22.71 -13.86
CA ARG B 139 -32.79 -22.14 -15.21
C ARG B 139 -34.31 -22.06 -15.41
N ASP B 140 -34.89 -20.88 -15.22
CA ASP B 140 -36.36 -20.70 -15.38
C ASP B 140 -37.10 -21.64 -14.43
N ASP B 141 -37.87 -22.55 -15.00
CA ASP B 141 -38.71 -23.55 -14.28
C ASP B 141 -37.91 -24.79 -13.88
N SER B 142 -36.62 -24.85 -14.23
CA SER B 142 -35.86 -26.11 -13.99
C SER B 142 -34.57 -25.91 -13.17
N ILE B 143 -34.06 -27.03 -12.62
CA ILE B 143 -32.80 -27.05 -11.84
C ILE B 143 -31.87 -28.10 -12.47
N LEU B 144 -30.56 -27.81 -12.51
CA LEU B 144 -29.55 -28.70 -13.05
C LEU B 144 -29.20 -29.76 -12.01
N LEU B 145 -29.48 -31.02 -12.34
CA LEU B 145 -29.12 -32.16 -11.49
C LEU B 145 -28.28 -33.16 -12.29
N ALA B 146 -27.37 -33.83 -11.57
CA ALA B 146 -26.37 -34.68 -12.19
C ALA B 146 -26.07 -35.90 -11.32
N GLN B 147 -25.61 -36.97 -11.98
CA GLN B 147 -25.10 -38.19 -11.38
C GLN B 147 -23.59 -38.19 -11.58
N HIS B 148 -22.87 -38.71 -10.60
CA HIS B 148 -21.42 -38.72 -10.59
C HIS B 148 -20.88 -40.05 -11.09
N THR B 149 -19.75 -39.99 -11.80
CA THR B 149 -19.11 -41.21 -12.28
C THR B 149 -18.47 -41.99 -11.13
N ARG B 150 -17.81 -41.31 -10.18
CA ARG B 150 -17.22 -42.04 -9.06
C ARG B 150 -18.27 -42.58 -8.09
N HIS B 151 -19.47 -41.97 -8.03
CA HIS B 151 -20.50 -42.40 -7.07
C HIS B 151 -21.81 -42.61 -7.83
N ARG B 152 -21.84 -43.65 -8.68
CA ARG B 152 -23.00 -43.96 -9.52
C ARG B 152 -24.07 -44.68 -8.69
N ASN B 153 -24.70 -43.91 -7.79
CA ASN B 153 -25.75 -44.39 -6.91
C ASN B 153 -27.16 -44.13 -7.43
N GLY B 154 -27.31 -43.66 -8.66
CA GLY B 154 -28.64 -43.44 -9.21
C GLY B 154 -29.33 -42.17 -8.74
N VAL B 155 -28.66 -41.40 -7.89
CA VAL B 155 -29.24 -40.18 -7.34
C VAL B 155 -28.77 -39.00 -8.16
N HIS B 156 -29.70 -38.12 -8.53
CA HIS B 156 -29.39 -36.87 -9.22
C HIS B 156 -29.29 -35.76 -8.18
N THR B 157 -28.19 -35.02 -8.20
CA THR B 157 -27.96 -33.99 -7.20
C THR B 157 -27.26 -32.79 -7.83
N VAL B 158 -26.89 -31.83 -7.00
CA VAL B 158 -26.33 -30.56 -7.46
C VAL B 158 -24.82 -30.65 -7.56
N LEU B 159 -24.16 -29.58 -8.00
CA LEU B 159 -22.71 -29.68 -8.25
C LEU B 159 -21.92 -29.25 -7.03
N ALA B 160 -20.71 -29.80 -6.91
CA ALA B 160 -19.85 -29.51 -5.75
C ALA B 160 -18.38 -29.62 -6.14
N GLY B 161 -17.52 -28.94 -5.38
CA GLY B 161 -16.09 -29.00 -5.67
C GLY B 161 -15.25 -28.22 -4.69
N PHE B 162 -13.94 -28.46 -4.76
CA PHE B 162 -12.98 -27.90 -3.81
C PHE B 162 -12.49 -26.52 -4.24
N VAL B 163 -12.27 -25.67 -3.25
CA VAL B 163 -11.75 -24.33 -3.46
C VAL B 163 -10.24 -24.40 -3.61
N GLU B 164 -9.71 -23.75 -4.64
CA GLU B 164 -8.27 -23.75 -4.88
C GLU B 164 -7.60 -22.51 -4.31
N VAL B 165 -6.27 -22.56 -4.25
CA VAL B 165 -5.53 -21.40 -3.73
C VAL B 165 -5.74 -20.19 -4.64
N GLY B 166 -6.02 -19.03 -4.03
CA GLY B 166 -6.14 -17.78 -4.76
C GLY B 166 -7.48 -17.50 -5.39
N GLU B 167 -8.51 -18.26 -5.06
CA GLU B 167 -9.84 -17.99 -5.62
C GLU B 167 -10.84 -17.77 -4.49
N THR B 168 -11.88 -17.01 -4.78
CA THR B 168 -12.95 -16.81 -3.81
C THR B 168 -13.90 -17.99 -3.86
N LEU B 169 -14.83 -18.02 -2.90
CA LEU B 169 -15.88 -19.04 -2.96
C LEU B 169 -16.71 -18.87 -4.22
N GLU B 170 -16.96 -17.61 -4.63
CA GLU B 170 -17.74 -17.38 -5.84
C GLU B 170 -16.97 -17.82 -7.09
N GLN B 171 -15.66 -17.54 -7.14
CA GLN B 171 -14.84 -18.00 -8.26
C GLN B 171 -14.76 -19.52 -8.32
N ALA B 172 -14.69 -20.17 -7.15
CA ALA B 172 -14.67 -21.62 -7.13
C ALA B 172 -15.95 -22.20 -7.72
N VAL B 173 -17.09 -21.60 -7.36
CA VAL B 173 -18.35 -22.06 -7.93
C VAL B 173 -18.33 -21.94 -9.44
N ALA B 174 -17.99 -20.76 -9.96
CA ALA B 174 -18.03 -20.58 -11.41
C ALA B 174 -17.08 -21.55 -12.12
N ARG B 175 -15.86 -21.71 -11.60
CA ARG B 175 -14.89 -22.59 -12.22
C ARG B 175 -15.37 -24.03 -12.21
N GLU B 176 -15.84 -24.49 -11.06
CA GLU B 176 -16.27 -25.89 -10.98
C GLU B 176 -17.45 -26.17 -11.89
N VAL B 177 -18.39 -25.22 -12.00
CA VAL B 177 -19.51 -25.43 -12.91
C VAL B 177 -19.02 -25.47 -14.35
N MET B 178 -18.08 -24.60 -14.72
CA MET B 178 -17.52 -24.62 -16.07
C MET B 178 -16.80 -25.93 -16.36
N GLU B 179 -16.00 -26.40 -15.40
CA GLU B 179 -15.23 -27.63 -15.60
C GLU B 179 -16.16 -28.84 -15.68
N GLN B 180 -17.18 -28.90 -14.81
CA GLN B 180 -18.01 -30.09 -14.74
C GLN B 180 -19.13 -30.08 -15.77
N SER B 181 -19.70 -28.91 -16.06
CA SER B 181 -20.81 -28.84 -17.00
C SER B 181 -20.66 -27.79 -18.08
N GLY B 182 -19.70 -26.88 -17.99
CA GLY B 182 -19.54 -25.92 -19.06
C GLY B 182 -20.55 -24.78 -19.10
N ILE B 183 -21.27 -24.52 -18.01
CA ILE B 183 -22.33 -23.52 -17.98
C ILE B 183 -21.80 -22.28 -17.25
N LYS B 184 -22.19 -21.10 -17.70
CA LYS B 184 -21.92 -19.86 -16.97
C LYS B 184 -23.13 -19.52 -16.10
N VAL B 185 -22.85 -19.06 -14.88
CA VAL B 185 -23.91 -18.78 -13.92
C VAL B 185 -23.76 -17.34 -13.42
N LYS B 186 -24.83 -16.86 -12.82
CA LYS B 186 -24.90 -15.48 -12.36
C LYS B 186 -25.70 -15.47 -11.08
N ASN B 187 -25.67 -14.33 -10.38
CA ASN B 187 -26.51 -14.12 -9.20
C ASN B 187 -26.31 -15.21 -8.14
N LEU B 188 -25.05 -15.43 -7.77
CA LEU B 188 -24.77 -16.38 -6.71
C LEU B 188 -25.32 -15.91 -5.38
N ARG B 189 -25.90 -16.83 -4.63
CA ARG B 189 -26.53 -16.50 -3.35
C ARG B 189 -26.12 -17.53 -2.34
N TYR B 190 -25.43 -17.10 -1.30
CA TYR B 190 -25.02 -17.97 -0.20
C TYR B 190 -26.23 -18.34 0.64
N VAL B 191 -26.33 -19.62 1.00
CA VAL B 191 -27.43 -20.15 1.81
C VAL B 191 -26.93 -20.55 3.20
N THR B 192 -25.95 -21.46 3.28
CA THR B 192 -25.55 -21.96 4.57
C THR B 192 -24.17 -22.61 4.45
N SER B 193 -23.72 -23.25 5.52
CA SER B 193 -22.44 -23.93 5.52
C SER B 193 -22.55 -25.16 6.41
N GLN B 194 -21.67 -26.15 6.14
CA GLN B 194 -21.67 -27.38 6.92
C GLN B 194 -20.31 -28.07 6.90
N PRO B 195 -19.64 -28.43 8.13
CA PRO B 195 -18.23 -29.22 8.60
C PRO B 195 -18.47 -30.68 8.22
N TRP B 196 -17.55 -31.28 7.45
CA TRP B 196 -17.65 -32.73 7.14
C TRP B 196 -16.40 -33.40 7.70
N PRO B 197 -16.53 -34.34 8.66
CA PRO B 197 -15.36 -34.97 9.31
C PRO B 197 -14.37 -35.94 8.66
N PHE B 198 -14.82 -36.94 7.86
CA PHE B 198 -13.85 -37.99 7.41
C PHE B 198 -12.70 -37.39 6.62
N PRO B 199 -12.97 -36.58 5.59
CA PRO B 199 -11.94 -35.82 4.90
C PRO B 199 -12.51 -34.70 5.77
N GLN B 200 -11.64 -33.93 6.44
CA GLN B 200 -12.09 -32.69 7.11
C GLN B 200 -12.25 -31.60 6.06
N SER B 201 -13.41 -30.93 6.06
CA SER B 201 -13.70 -29.90 5.04
C SER B 201 -14.86 -29.04 5.52
N LEU B 202 -14.98 -27.84 4.96
CA LEU B 202 -16.09 -26.92 5.31
C LEU B 202 -16.81 -26.59 4.00
N MET B 203 -18.00 -27.15 3.83
CA MET B 203 -18.76 -26.92 2.60
C MET B 203 -19.67 -25.71 2.75
N THR B 204 -19.63 -24.84 1.76
CA THR B 204 -20.48 -23.65 1.65
C THR B 204 -21.49 -23.84 0.54
N ALA B 205 -22.74 -23.47 0.82
CA ALA B 205 -23.87 -23.73 -0.06
C ALA B 205 -24.29 -22.47 -0.80
N PHE B 206 -24.40 -22.57 -2.11
CA PHE B 206 -24.84 -21.46 -2.94
C PHE B 206 -26.01 -21.87 -3.82
N MET B 207 -26.75 -20.85 -4.23
CA MET B 207 -27.71 -20.97 -5.30
C MET B 207 -27.20 -20.15 -6.47
N ALA B 208 -27.57 -20.55 -7.69
CA ALA B 208 -27.05 -19.87 -8.86
C ALA B 208 -28.14 -19.83 -9.91
N GLU B 209 -28.01 -18.91 -10.85
CA GLU B 209 -28.95 -18.80 -11.93
C GLU B 209 -28.24 -19.01 -13.25
N TYR B 210 -28.92 -19.67 -14.17
CA TYR B 210 -28.36 -19.92 -15.48
C TYR B 210 -28.11 -18.60 -16.20
N ASP B 211 -26.90 -18.42 -16.72
CA ASP B 211 -26.60 -17.27 -17.56
C ASP B 211 -26.54 -17.68 -19.03
N SER B 212 -25.63 -18.60 -19.36
CA SER B 212 -25.47 -19.03 -20.74
C SER B 212 -24.66 -20.31 -20.78
N GLY B 213 -24.75 -21.01 -21.90
CA GLY B 213 -23.96 -22.20 -22.11
C GLY B 213 -24.81 -23.44 -22.14
N ASP B 214 -24.27 -24.47 -22.78
CA ASP B 214 -24.94 -25.76 -22.87
C ASP B 214 -24.21 -26.81 -22.06
N ILE B 215 -24.95 -27.82 -21.64
CA ILE B 215 -24.40 -28.88 -20.80
C ILE B 215 -23.38 -29.71 -21.57
N VAL B 216 -22.13 -29.64 -21.15
CA VAL B 216 -21.07 -30.50 -21.68
C VAL B 216 -20.37 -31.08 -20.46
N ILE B 217 -20.52 -32.33 -20.29
CA ILE B 217 -20.06 -32.91 -19.04
C ILE B 217 -18.67 -33.49 -19.22
N ASP B 218 -17.93 -33.49 -18.13
CA ASP B 218 -16.66 -34.17 -18.11
C ASP B 218 -16.94 -35.56 -17.57
N PRO B 219 -16.87 -36.61 -18.39
CA PRO B 219 -17.18 -37.94 -17.89
C PRO B 219 -16.27 -38.36 -16.76
N LYS B 220 -15.11 -37.72 -16.58
CA LYS B 220 -14.34 -38.35 -15.53
C LYS B 220 -14.89 -37.88 -14.18
N GLU B 221 -15.78 -36.88 -14.16
CA GLU B 221 -16.47 -36.41 -12.96
C GLU B 221 -17.95 -36.73 -12.92
N LEU B 222 -18.70 -36.50 -13.98
CA LEU B 222 -20.14 -36.71 -13.97
C LEU B 222 -20.55 -37.77 -14.99
N LEU B 223 -21.48 -38.63 -14.58
CA LEU B 223 -22.04 -39.59 -15.50
C LEU B 223 -23.08 -38.93 -16.40
N GLU B 224 -23.94 -38.07 -15.86
CA GLU B 224 -24.93 -37.40 -16.71
C GLU B 224 -25.45 -36.14 -16.00
N ALA B 225 -26.00 -35.19 -16.77
CA ALA B 225 -26.56 -33.95 -16.23
C ALA B 225 -27.66 -33.42 -17.15
N ASN B 226 -28.72 -32.89 -16.55
CA ASN B 226 -29.83 -32.33 -17.32
C ASN B 226 -30.64 -31.37 -16.46
N TRP B 227 -31.49 -30.60 -17.15
CA TRP B 227 -32.40 -29.67 -16.49
C TRP B 227 -33.68 -30.42 -16.15
N TYR B 228 -34.09 -30.35 -14.90
CA TYR B 228 -35.28 -31.04 -14.42
C TYR B 228 -36.27 -30.02 -13.92
N ARG B 229 -37.51 -30.16 -14.38
CA ARG B 229 -38.55 -29.17 -14.02
C ARG B 229 -39.03 -29.40 -12.60
N TYR B 230 -39.53 -28.33 -11.98
CA TYR B 230 -40.01 -28.37 -10.60
C TYR B 230 -41.13 -29.39 -10.41
N ASP B 231 -41.88 -29.68 -11.48
CA ASP B 231 -42.96 -30.65 -11.47
C ASP B 231 -42.55 -32.01 -12.04
N ASP B 232 -41.23 -32.26 -12.16
CA ASP B 232 -40.72 -33.52 -12.70
C ASP B 232 -39.36 -33.84 -12.04
N LEU B 233 -39.40 -34.16 -10.74
CA LEU B 233 -38.05 -34.29 -10.18
C LEU B 233 -37.61 -35.75 -10.12
N PRO B 234 -36.32 -36.03 -10.36
CA PRO B 234 -35.85 -37.42 -10.28
C PRO B 234 -35.60 -37.86 -8.84
N LEU B 235 -34.79 -38.90 -8.68
CA LEU B 235 -34.35 -39.34 -7.37
C LEU B 235 -33.37 -38.32 -6.76
N LEU B 236 -33.71 -37.78 -5.59
CA LEU B 236 -32.97 -36.69 -4.95
C LEU B 236 -32.27 -37.13 -3.68
N PRO B 237 -31.29 -36.34 -3.19
CA PRO B 237 -30.64 -36.66 -1.91
C PRO B 237 -31.67 -36.73 -0.80
N PRO B 238 -31.38 -37.43 0.29
CA PRO B 238 -32.37 -37.60 1.34
C PRO B 238 -32.62 -36.26 2.07
N PRO B 239 -33.82 -36.07 2.61
CA PRO B 239 -34.07 -34.84 3.37
C PRO B 239 -33.10 -34.69 4.54
N GLY B 240 -32.76 -33.44 4.85
CA GLY B 240 -31.80 -33.15 5.86
C GLY B 240 -30.40 -32.84 5.34
N THR B 241 -30.10 -33.20 4.10
CA THR B 241 -28.81 -32.87 3.52
C THR B 241 -28.84 -31.45 2.97
N VAL B 242 -27.65 -30.84 2.85
CA VAL B 242 -27.53 -29.51 2.28
C VAL B 242 -27.92 -29.53 0.80
N ALA B 243 -27.50 -30.57 0.08
CA ALA B 243 -27.84 -30.67 -1.34
C ALA B 243 -29.35 -30.67 -1.52
N ARG B 244 -30.07 -31.47 -0.73
CA ARG B 244 -31.53 -31.52 -0.84
C ARG B 244 -32.16 -30.20 -0.44
N ARG B 245 -31.63 -29.55 0.59
CA ARG B 245 -32.15 -28.22 0.93
C ARG B 245 -31.98 -27.26 -0.24
N LEU B 246 -30.81 -27.23 -0.88
CA LEU B 246 -30.64 -26.33 -2.01
C LEU B 246 -31.62 -26.66 -3.12
N ILE B 247 -31.87 -27.95 -3.35
CA ILE B 247 -32.81 -28.36 -4.38
C ILE B 247 -34.22 -27.91 -4.02
N GLU B 248 -34.61 -28.14 -2.77
CA GLU B 248 -35.96 -27.78 -2.36
C GLU B 248 -36.17 -26.27 -2.42
N ASP B 249 -35.17 -25.47 -2.04
CA ASP B 249 -35.32 -24.01 -2.15
C ASP B 249 -35.39 -23.57 -3.61
N THR B 250 -34.56 -24.17 -4.47
CA THR B 250 -34.63 -23.85 -5.90
C THR B 250 -35.98 -24.25 -6.50
N VAL B 251 -36.46 -25.45 -6.18
CA VAL B 251 -37.74 -25.90 -6.72
C VAL B 251 -38.89 -25.05 -6.18
N ALA B 252 -38.84 -24.65 -4.90
CA ALA B 252 -39.90 -23.80 -4.38
C ALA B 252 -39.97 -22.51 -5.19
N MET B 253 -38.80 -21.94 -5.48
CA MET B 253 -38.78 -20.73 -6.31
C MET B 253 -39.26 -21.00 -7.74
N CYS B 254 -38.86 -22.13 -8.34
CA CYS B 254 -39.29 -22.44 -9.70
C CYS B 254 -40.82 -22.57 -9.79
N ARG B 255 -41.45 -23.22 -8.78
CA ARG B 255 -42.90 -23.40 -8.65
C ARG B 255 -43.58 -22.04 -8.48
N ALA B 256 -42.97 -21.21 -7.64
CA ALA B 256 -43.55 -19.91 -7.36
C ALA B 256 -43.54 -19.05 -8.60
N GLU B 257 -42.51 -19.17 -9.43
CA GLU B 257 -42.39 -18.37 -10.62
C GLU B 257 -43.16 -19.03 -11.77
N HIS C 2 16.57 19.75 16.90
CA HIS C 2 16.78 20.74 17.95
C HIS C 2 17.31 20.08 19.23
N MET C 3 17.16 18.76 19.33
CA MET C 3 17.67 18.00 20.46
C MET C 3 18.62 16.93 19.93
N ASP C 4 19.87 16.99 20.41
CA ASP C 4 20.95 16.09 20.02
C ASP C 4 21.53 15.53 21.31
N ARG C 5 21.29 14.25 21.61
CA ARG C 5 21.75 13.66 22.88
C ARG C 5 22.10 12.19 22.71
N ILE C 6 22.97 11.70 23.59
CA ILE C 6 23.25 10.26 23.60
C ILE C 6 22.11 9.55 24.32
N ILE C 7 21.65 8.45 23.73
CA ILE C 7 20.49 7.74 24.26
C ILE C 7 20.82 7.13 25.61
N GLU C 8 19.98 7.39 26.61
CA GLU C 8 20.17 6.80 27.94
C GLU C 8 19.04 5.79 28.19
N LYS C 9 19.21 4.95 29.23
CA LYS C 9 18.18 3.96 29.54
C LYS C 9 16.85 4.63 29.91
N LEU C 10 16.93 5.85 30.44
CA LEU C 10 15.74 6.66 30.75
C LEU C 10 14.96 7.11 29.52
N ASP C 11 15.54 7.06 28.33
CA ASP C 11 14.89 7.59 27.15
C ASP C 11 13.92 6.59 26.53
N HIS C 12 12.87 7.13 25.92
CA HIS C 12 11.86 6.26 25.36
C HIS C 12 11.11 7.04 24.31
N GLY C 13 10.30 6.31 23.55
CA GLY C 13 9.43 6.93 22.58
C GLY C 13 9.40 6.16 21.28
N TRP C 14 9.16 6.87 20.19
CA TRP C 14 9.20 6.33 18.84
C TRP C 14 10.62 6.41 18.29
N TRP C 15 11.13 5.28 17.79
CA TRP C 15 12.51 5.18 17.34
C TRP C 15 12.54 4.90 15.84
N VAL C 16 12.96 5.89 15.05
CA VAL C 16 13.12 5.74 13.62
C VAL C 16 14.61 5.45 13.40
N VAL C 17 14.95 4.18 13.18
CA VAL C 17 16.33 3.77 12.94
C VAL C 17 16.49 3.61 11.45
N SER C 18 17.29 4.50 10.85
CA SER C 18 17.29 4.58 9.40
C SER C 18 18.68 4.59 8.81
N HIS C 19 18.76 4.03 7.61
CA HIS C 19 19.98 3.96 6.82
C HIS C 19 19.61 3.67 5.38
N GLU C 20 20.26 4.39 4.47
CA GLU C 20 20.04 4.28 3.02
C GLU C 20 18.57 4.25 2.65
N GLN C 21 17.83 5.26 3.09
CA GLN C 21 16.45 5.43 2.71
C GLN C 21 15.55 4.28 3.19
N LYS C 22 16.00 3.49 4.15
CA LYS C 22 15.17 2.47 4.76
C LYS C 22 15.17 2.68 6.27
N LEU C 23 14.20 2.07 6.96
CA LEU C 23 14.12 2.15 8.42
C LEU C 23 13.74 0.80 9.01
N TRP C 24 14.15 0.60 10.26
CA TRP C 24 13.99 -0.67 10.96
C TRP C 24 12.55 -0.82 11.44
N LEU C 25 11.89 -1.89 11.00
CA LEU C 25 10.49 -2.14 11.32
C LEU C 25 10.36 -3.56 11.87
N PRO C 26 10.65 -3.75 13.17
CA PRO C 26 10.47 -5.07 13.77
C PRO C 26 9.03 -5.53 13.63
N LYS C 27 8.85 -6.71 13.04
CA LYS C 27 7.53 -7.33 12.87
C LYS C 27 6.58 -6.45 12.08
N GLY C 28 7.13 -5.56 11.25
CA GLY C 28 6.30 -4.64 10.48
C GLY C 28 5.77 -3.45 11.25
N GLU C 29 6.35 -3.14 12.41
CA GLU C 29 5.93 -2.04 13.24
C GLU C 29 7.03 -1.00 13.42
N LEU C 30 6.62 0.23 13.59
CA LEU C 30 7.57 1.28 13.92
C LEU C 30 7.94 1.12 15.39
N PRO C 31 9.24 1.00 15.72
CA PRO C 31 9.65 0.79 17.11
C PRO C 31 9.06 1.86 18.03
N TYR C 32 8.54 1.39 19.17
CA TYR C 32 8.00 2.24 20.21
C TYR C 32 8.28 1.58 21.54
N GLY C 33 8.81 2.35 22.48
CA GLY C 33 9.09 1.86 23.81
C GLY C 33 10.38 2.38 24.40
N GLU C 34 11.02 1.59 25.24
CA GLU C 34 12.26 2.01 25.90
C GLU C 34 13.44 1.69 25.00
N ALA C 35 14.45 2.57 25.06
CA ALA C 35 15.63 2.41 24.22
C ALA C 35 16.28 1.06 24.46
N ALA C 36 16.28 0.62 25.73
CA ALA C 36 16.89 -0.66 26.08
C ALA C 36 16.24 -1.83 25.35
N ASN C 37 14.94 -1.74 25.03
CA ASN C 37 14.35 -2.89 24.37
C ASN C 37 14.71 -2.97 22.90
N PHE C 38 15.40 -1.95 22.37
CA PHE C 38 15.78 -1.93 20.96
C PHE C 38 17.29 -1.88 20.80
N ASP C 39 18.02 -2.08 21.91
CA ASP C 39 19.49 -2.02 21.94
C ASP C 39 20.01 -0.69 21.44
N LEU C 40 19.33 0.41 21.78
CA LEU C 40 19.76 1.74 21.33
C LEU C 40 20.53 2.56 22.36
N VAL C 41 20.66 2.12 23.61
CA VAL C 41 21.34 2.94 24.61
C VAL C 41 22.81 3.10 24.23
N GLY C 42 23.29 4.35 24.24
CA GLY C 42 24.64 4.72 23.83
C GLY C 42 24.75 5.18 22.40
N GLN C 43 23.66 5.15 21.65
CA GLN C 43 23.69 5.65 20.29
C GLN C 43 23.25 7.09 20.34
N ARG C 44 23.53 7.83 19.29
CA ARG C 44 23.10 9.22 19.28
C ARG C 44 21.72 9.28 18.68
N ALA C 45 20.86 10.10 19.26
CA ALA C 45 19.52 10.26 18.76
C ALA C 45 19.27 11.74 18.54
N LEU C 46 18.53 12.02 17.49
CA LEU C 46 18.14 13.37 17.14
C LEU C 46 16.64 13.40 17.21
N GLN C 47 16.10 14.32 17.97
CA GLN C 47 14.66 14.37 18.08
C GLN C 47 14.08 14.99 16.82
N ILE C 48 13.22 14.26 16.12
CA ILE C 48 12.63 14.79 14.89
C ILE C 48 11.17 15.19 15.05
N GLY C 49 10.54 14.84 16.16
CA GLY C 49 9.18 15.30 16.38
C GLY C 49 8.65 14.75 17.67
N GLU C 50 7.34 14.81 17.79
CA GLU C 50 6.64 14.34 18.96
C GLU C 50 5.30 13.81 18.49
N TRP C 51 4.89 12.65 19.01
CA TRP C 51 3.65 12.04 18.59
C TRP C 51 2.80 11.73 19.83
N GLN C 52 1.68 12.46 19.98
CA GLN C 52 0.75 12.26 21.09
C GLN C 52 1.47 12.24 22.44
N GLY C 53 2.33 13.22 22.65
CA GLY C 53 3.04 13.34 23.90
C GLY C 53 4.30 12.50 24.02
N GLU C 54 4.69 11.76 22.97
CA GLU C 54 5.93 11.01 23.11
C GLU C 54 6.96 11.44 22.10
N PRO C 55 8.23 11.52 22.50
CA PRO C 55 9.25 11.93 21.55
C PRO C 55 9.37 10.95 20.41
N VAL C 56 9.74 11.48 19.25
CA VAL C 56 10.06 10.69 18.07
C VAL C 56 11.53 10.97 17.76
N TRP C 57 12.34 9.91 17.78
CA TRP C 57 13.80 9.99 17.66
C TRP C 57 14.27 9.45 16.31
N LEU C 58 15.34 10.03 15.79
CA LEU C 58 16.03 9.52 14.61
C LEU C 58 17.35 8.94 15.08
N VAL C 59 17.62 7.71 14.69
CA VAL C 59 18.89 7.05 14.96
C VAL C 59 19.44 6.61 13.63
N GLN C 60 20.67 7.03 13.33
CA GLN C 60 21.32 6.65 12.08
C GLN C 60 22.11 5.37 12.31
N GLN C 61 21.49 4.23 12.00
CA GLN C 61 22.11 2.95 12.26
C GLN C 61 21.51 1.95 11.29
N GLN C 62 22.34 1.04 10.79
CA GLN C 62 21.92 -0.02 9.88
C GLN C 62 21.77 -1.32 10.64
N ARG C 63 20.62 -1.98 10.50
CA ARG C 63 20.36 -3.30 11.05
C ARG C 63 20.34 -4.34 9.93
N ARG C 64 20.71 -5.58 10.27
CA ARG C 64 20.83 -6.61 9.24
C ARG C 64 19.47 -7.01 8.67
N HIS C 65 18.41 -6.99 9.48
CA HIS C 65 17.11 -7.45 9.01
C HIS C 65 16.02 -6.43 9.31
N ASP C 66 14.90 -6.60 8.62
CA ASP C 66 13.68 -5.80 8.81
C ASP C 66 13.92 -4.33 8.48
N MET C 67 14.82 -4.06 7.53
CA MET C 67 14.97 -2.71 7.02
C MET C 67 14.08 -2.62 5.79
N GLY C 68 13.12 -1.70 5.82
CA GLY C 68 12.15 -1.63 4.76
C GLY C 68 11.89 -0.18 4.38
N SER C 69 10.99 -0.05 3.42
CA SER C 69 10.58 1.25 2.91
C SER C 69 9.57 1.85 3.87
N VAL C 70 9.56 3.19 3.93
CA VAL C 70 8.59 3.83 4.80
C VAL C 70 7.17 3.54 4.34
N ARG C 71 6.98 3.12 3.08
CA ARG C 71 5.64 2.76 2.64
C ARG C 71 5.05 1.63 3.48
N GLN C 72 5.90 0.83 4.12
CA GLN C 72 5.40 -0.27 4.94
C GLN C 72 4.69 0.20 6.20
N VAL C 73 4.88 1.45 6.62
CA VAL C 73 4.10 1.94 7.75
C VAL C 73 3.15 3.06 7.32
N ILE C 74 2.77 3.10 6.05
CA ILE C 74 1.84 4.11 5.60
C ILE C 74 0.45 3.96 6.22
N ASP C 75 0.18 2.82 6.88
CA ASP C 75 -1.06 2.63 7.61
C ASP C 75 -1.07 3.31 8.98
N LEU C 76 -0.01 4.00 9.37
CA LEU C 76 -0.02 4.76 10.62
C LEU C 76 -0.82 6.04 10.44
N ASP C 77 -1.08 6.75 11.54
CA ASP C 77 -1.73 8.05 11.42
C ASP C 77 -0.85 8.95 10.59
N VAL C 78 -1.48 9.89 9.86
CA VAL C 78 -0.74 10.71 8.89
C VAL C 78 0.45 11.40 9.56
N GLY C 79 0.22 12.02 10.72
CA GLY C 79 1.29 12.75 11.40
C GLY C 79 2.49 11.87 11.72
N LEU C 80 2.24 10.67 12.26
CA LEU C 80 3.32 9.75 12.60
C LEU C 80 4.01 9.21 11.35
N PHE C 81 3.23 8.87 10.31
CA PHE C 81 3.87 8.46 9.06
C PHE C 81 4.79 9.56 8.55
N GLN C 82 4.30 10.80 8.50
CA GLN C 82 5.14 11.87 7.98
C GLN C 82 6.38 12.09 8.86
N LEU C 83 6.29 11.91 10.18
CA LEU C 83 7.50 12.00 11.02
C LEU C 83 8.47 10.86 10.71
N ALA C 84 7.96 9.66 10.46
CA ALA C 84 8.86 8.58 10.04
C ALA C 84 9.55 8.90 8.71
N GLY C 85 8.81 9.46 7.75
CA GLY C 85 9.43 9.87 6.50
C GLY C 85 10.43 11.02 6.70
N ARG C 86 10.09 11.96 7.60
CA ARG C 86 11.02 13.02 7.95
C ARG C 86 12.36 12.46 8.43
N GLY C 87 12.31 11.47 9.35
CA GLY C 87 13.54 10.86 9.85
C GLY C 87 14.34 10.19 8.74
N VAL C 88 13.64 9.46 7.87
CA VAL C 88 14.37 8.81 6.79
C VAL C 88 15.04 9.86 5.90
N GLN C 89 14.32 10.94 5.59
CA GLN C 89 14.89 11.98 4.74
C GLN C 89 16.09 12.64 5.41
N LEU C 90 15.99 12.91 6.70
CA LEU C 90 17.08 13.60 7.38
C LEU C 90 18.30 12.69 7.51
N ALA C 91 18.07 11.38 7.74
CA ALA C 91 19.19 10.44 7.71
C ALA C 91 19.85 10.38 6.34
N GLU C 92 19.03 10.40 5.28
CA GLU C 92 19.61 10.44 3.93
C GLU C 92 20.34 11.76 3.66
N PHE C 93 19.82 12.88 4.16
CA PHE C 93 20.56 14.14 4.07
C PHE C 93 21.97 14.00 4.64
N TYR C 94 22.08 13.45 5.85
CA TYR C 94 23.43 13.31 6.43
C TYR C 94 24.30 12.36 5.63
N ARG C 95 23.72 11.27 5.13
CA ARG C 95 24.49 10.31 4.33
C ARG C 95 24.97 10.95 3.04
N SER C 96 24.14 11.80 2.43
CA SER C 96 24.41 12.50 1.17
C SER C 96 25.47 13.59 1.30
N HIS C 97 25.88 13.97 2.53
CA HIS C 97 26.93 15.00 2.60
C HIS C 97 28.09 14.65 3.54
N LYS C 98 28.57 13.40 3.51
CA LYS C 98 29.80 13.12 4.25
C LYS C 98 30.93 14.00 3.72
N TYR C 99 30.97 14.18 2.41
CA TYR C 99 32.00 15.00 1.74
C TYR C 99 31.35 16.27 1.19
N CYS C 100 32.06 17.37 1.27
CA CYS C 100 31.54 18.66 0.74
C CYS C 100 31.58 18.56 -0.79
N GLY C 101 30.47 18.90 -1.44
CA GLY C 101 30.35 18.87 -2.91
C GLY C 101 31.31 19.86 -3.56
N TYR C 102 31.49 21.02 -2.93
CA TYR C 102 32.38 22.07 -3.48
C TYR C 102 33.87 21.69 -3.47
N CYS C 103 34.38 21.16 -2.35
CA CYS C 103 35.85 20.93 -2.26
C CYS C 103 36.25 19.47 -2.01
N GLY C 104 35.31 18.57 -1.68
CA GLY C 104 35.65 17.16 -1.49
C GLY C 104 36.12 16.80 -0.07
N HIS C 105 36.34 17.77 0.80
CA HIS C 105 36.78 17.52 2.16
C HIS C 105 35.61 17.04 3.01
N GLU C 106 35.93 16.41 4.13
CA GLU C 106 34.87 15.88 4.97
C GLU C 106 34.12 17.01 5.68
N MET C 107 32.82 16.80 5.87
CA MET C 107 31.98 17.80 6.53
C MET C 107 31.63 17.32 7.93
N TYR C 108 31.06 18.25 8.72
CA TYR C 108 30.63 17.94 10.10
C TYR C 108 29.24 18.52 10.34
N PRO C 109 28.39 17.85 11.12
CA PRO C 109 27.02 18.30 11.34
C PRO C 109 26.92 19.46 12.34
N SER C 110 25.96 20.35 12.11
CA SER C 110 25.73 21.46 13.06
C SER C 110 25.05 20.89 14.30
N LYS C 111 25.48 21.33 15.48
CA LYS C 111 24.86 20.91 16.76
C LYS C 111 23.48 21.56 16.92
N THR C 112 23.33 22.80 16.46
CA THR C 112 22.10 23.61 16.69
C THR C 112 21.03 23.54 15.60
N GLU C 113 21.31 22.97 14.43
CA GLU C 113 20.27 22.94 13.37
C GLU C 113 20.53 21.80 12.39
N TRP C 114 19.59 21.55 11.49
CA TRP C 114 19.75 20.47 10.50
C TRP C 114 20.58 21.02 9.34
N ALA C 115 21.89 20.83 9.44
CA ALA C 115 22.82 21.33 8.40
C ALA C 115 24.17 20.65 8.53
N MET C 116 24.86 20.57 7.41
CA MET C 116 26.24 20.09 7.37
C MET C 116 27.17 21.24 7.03
N LEU C 117 28.28 21.34 7.75
CA LEU C 117 29.28 22.42 7.56
C LEU C 117 30.58 21.83 7.03
N CYS C 118 31.26 22.56 6.16
CA CYS C 118 32.53 22.05 5.59
C CYS C 118 33.73 22.42 6.45
N SER C 119 34.60 21.42 6.67
CA SER C 119 35.84 21.54 7.47
C SER C 119 36.83 22.50 6.77
N HIS C 120 36.85 22.49 5.44
CA HIS C 120 37.81 23.29 4.63
C HIS C 120 37.25 24.60 4.07
N CYS C 121 36.10 24.56 3.38
CA CYS C 121 35.56 25.81 2.80
C CYS C 121 34.43 26.35 3.68
N ARG C 122 33.93 27.54 3.39
CA ARG C 122 32.87 28.14 4.23
C ARG C 122 31.49 27.62 3.81
N GLU C 123 31.42 26.69 2.85
CA GLU C 123 30.08 26.34 2.40
C GLU C 123 29.41 25.33 3.33
N ARG C 124 28.11 25.15 3.13
CA ARG C 124 27.29 24.27 3.96
C ARG C 124 26.12 23.79 3.11
N TYR C 125 25.44 22.75 3.60
CA TYR C 125 24.23 22.25 2.99
C TYR C 125 23.11 22.18 4.00
N TYR C 126 21.89 22.31 3.50
CA TYR C 126 20.63 22.19 4.25
C TYR C 126 19.77 21.12 3.58
N PRO C 127 18.90 20.44 4.33
CA PRO C 127 18.09 19.35 3.74
C PRO C 127 17.32 19.76 2.49
N GLN C 128 17.34 18.85 1.52
CA GLN C 128 16.70 19.11 0.22
C GLN C 128 15.26 18.60 0.20
N ILE C 129 14.36 19.50 -0.17
CA ILE C 129 12.93 19.22 -0.37
C ILE C 129 12.67 19.47 -1.85
N ALA C 130 12.10 18.47 -2.55
CA ALA C 130 11.87 18.62 -3.97
C ALA C 130 10.42 19.06 -4.19
N PRO C 131 10.16 20.32 -4.50
CA PRO C 131 8.77 20.72 -4.78
C PRO C 131 8.27 20.05 -6.05
N CYS C 132 7.02 19.59 -5.99
CA CYS C 132 6.44 18.83 -7.09
C CYS C 132 4.96 19.27 -7.21
N ILE C 133 4.44 19.40 -8.42
CA ILE C 133 3.05 19.82 -8.58
C ILE C 133 2.29 18.56 -8.93
N ILE C 134 1.00 18.56 -8.63
CA ILE C 134 0.10 17.47 -9.01
C ILE C 134 -1.25 18.12 -9.28
N VAL C 135 -1.91 17.73 -10.38
CA VAL C 135 -3.12 18.48 -10.76
C VAL C 135 -4.16 17.53 -11.35
N ALA C 136 -5.40 17.74 -10.92
CA ALA C 136 -6.57 17.01 -11.43
C ALA C 136 -7.26 17.91 -12.45
N ILE C 137 -7.35 17.44 -13.69
CA ILE C 137 -7.91 18.21 -14.81
C ILE C 137 -9.31 17.68 -15.11
N ARG C 138 -10.29 18.55 -15.04
CA ARG C 138 -11.68 18.19 -15.25
C ARG C 138 -12.13 18.64 -16.64
N ARG C 139 -12.96 17.82 -17.28
CA ARG C 139 -13.63 18.17 -18.55
C ARG C 139 -15.10 17.80 -18.34
N ASP C 140 -15.92 18.78 -17.93
CA ASP C 140 -17.34 18.56 -17.64
C ASP C 140 -17.48 17.44 -16.62
N ASP C 141 -18.05 16.31 -17.02
CA ASP C 141 -18.26 15.24 -16.05
C ASP C 141 -17.11 14.22 -16.04
N SER C 142 -15.98 14.57 -16.62
CA SER C 142 -14.85 13.60 -16.74
C SER C 142 -13.56 14.14 -16.13
N ILE C 143 -12.65 13.22 -15.79
CA ILE C 143 -11.36 13.60 -15.23
C ILE C 143 -10.26 12.87 -16.02
N LEU C 144 -9.17 13.59 -16.28
CA LEU C 144 -8.05 13.04 -17.04
C LEU C 144 -7.21 12.17 -16.11
N LEU C 145 -7.18 10.86 -16.38
CA LEU C 145 -6.35 9.93 -15.63
C LEU C 145 -5.45 9.17 -16.58
N ALA C 146 -4.28 8.77 -16.07
CA ALA C 146 -3.23 8.18 -16.88
C ALA C 146 -2.54 7.07 -16.10
N GLN C 147 -1.98 6.15 -16.85
CA GLN C 147 -1.07 5.13 -16.34
C GLN C 147 0.32 5.51 -16.80
N HIS C 148 1.31 5.23 -15.95
CA HIS C 148 2.70 5.62 -16.18
C HIS C 148 3.56 4.44 -16.63
N THR C 149 4.43 4.70 -17.61
CA THR C 149 5.24 3.65 -18.22
C THR C 149 6.20 3.01 -17.25
N ARG C 150 6.84 3.79 -16.39
CA ARG C 150 7.77 3.22 -15.43
C ARG C 150 7.09 2.53 -14.25
N HIS C 151 5.77 2.63 -14.12
CA HIS C 151 5.06 2.08 -12.95
C HIS C 151 3.86 1.24 -13.40
N ARG C 152 4.14 0.05 -13.93
CA ARG C 152 3.10 -0.86 -14.46
C ARG C 152 2.30 -1.51 -13.32
N ASN C 153 1.42 -0.74 -12.67
CA ASN C 153 0.58 -1.26 -11.60
C ASN C 153 -0.91 -1.22 -11.88
N GLY C 154 -1.37 -0.78 -13.04
CA GLY C 154 -2.80 -0.81 -13.29
C GLY C 154 -3.60 0.32 -12.66
N VAL C 155 -2.95 1.27 -12.00
CA VAL C 155 -3.63 2.37 -11.33
C VAL C 155 -3.67 3.57 -12.27
N HIS C 156 -4.85 4.18 -12.40
CA HIS C 156 -5.04 5.40 -13.17
C HIS C 156 -4.98 6.58 -12.18
N THR C 157 -4.14 7.56 -12.46
CA THR C 157 -4.01 8.68 -11.53
C THR C 157 -3.86 9.99 -12.29
N VAL C 158 -3.67 11.09 -11.57
CA VAL C 158 -3.65 12.40 -12.23
C VAL C 158 -2.20 12.76 -12.54
N LEU C 159 -1.96 13.88 -13.21
CA LEU C 159 -0.62 14.20 -13.66
C LEU C 159 0.18 14.90 -12.58
N ALA C 160 1.49 14.67 -12.57
CA ALA C 160 2.34 15.28 -11.55
C ALA C 160 3.76 15.43 -12.10
N GLY C 161 4.52 16.34 -11.49
CA GLY C 161 5.89 16.50 -11.96
C GLY C 161 6.67 17.50 -11.13
N PHE C 162 8.00 17.43 -11.26
CA PHE C 162 8.88 18.23 -10.41
C PHE C 162 8.96 19.65 -10.93
N VAL C 163 9.04 20.59 -10.00
CA VAL C 163 9.20 22.00 -10.35
C VAL C 163 10.64 22.25 -10.73
N GLU C 164 10.85 22.97 -11.82
CA GLU C 164 12.19 23.29 -12.30
C GLU C 164 12.68 24.60 -11.69
N VAL C 165 14.02 24.78 -11.68
CA VAL C 165 14.59 26.01 -11.12
C VAL C 165 14.11 27.22 -11.90
N GLY C 166 13.61 28.22 -11.18
CA GLY C 166 13.19 29.45 -11.80
C GLY C 166 11.81 29.43 -12.40
N GLU C 167 10.97 28.44 -12.04
CA GLU C 167 9.60 28.25 -12.51
C GLU C 167 8.61 28.43 -11.35
N THR C 168 7.46 29.03 -11.63
CA THR C 168 6.46 29.12 -10.58
C THR C 168 5.73 27.77 -10.50
N LEU C 169 4.95 27.57 -9.43
CA LEU C 169 4.12 26.36 -9.33
C LEU C 169 3.09 26.32 -10.44
N GLU C 170 2.57 27.49 -10.84
CA GLU C 170 1.58 27.53 -11.92
C GLU C 170 2.20 27.16 -13.26
N GLN C 171 3.42 27.66 -13.52
CA GLN C 171 4.16 27.31 -14.73
C GLN C 171 4.52 25.85 -14.75
N ALA C 172 4.90 25.28 -13.60
CA ALA C 172 5.21 23.87 -13.57
C ALA C 172 4.00 23.05 -13.95
N VAL C 173 2.81 23.43 -13.47
CA VAL C 173 1.59 22.70 -13.85
C VAL C 173 1.42 22.75 -15.36
N ALA C 174 1.51 23.96 -15.93
CA ALA C 174 1.27 24.12 -17.37
C ALA C 174 2.24 23.26 -18.18
N ARG C 175 3.53 23.33 -17.84
CA ARG C 175 4.57 22.62 -18.58
C ARG C 175 4.40 21.12 -18.46
N GLU C 176 4.21 20.62 -17.23
CA GLU C 176 4.15 19.19 -17.02
C GLU C 176 2.95 18.60 -17.73
N VAL C 177 1.82 19.30 -17.70
CA VAL C 177 0.65 18.79 -18.41
C VAL C 177 0.90 18.79 -19.92
N MET C 178 1.52 19.85 -20.44
CA MET C 178 1.82 19.91 -21.88
C MET C 178 2.78 18.79 -22.29
N GLU C 179 3.86 18.61 -21.52
CA GLU C 179 4.85 17.59 -21.84
C GLU C 179 4.25 16.20 -21.75
N GLN C 180 3.42 15.95 -20.73
CA GLN C 180 2.95 14.58 -20.55
C GLN C 180 1.73 14.26 -21.40
N SER C 181 0.84 15.22 -21.61
CA SER C 181 -0.41 14.93 -22.32
C SER C 181 -0.73 15.92 -23.43
N GLY C 182 -0.01 17.03 -23.54
CA GLY C 182 -0.27 18.00 -24.58
C GLY C 182 -1.51 18.84 -24.39
N ILE C 183 -2.04 18.94 -23.16
CA ILE C 183 -3.31 19.61 -22.86
C ILE C 183 -3.04 20.99 -22.26
N LYS C 184 -3.85 21.98 -22.65
CA LYS C 184 -3.90 23.28 -21.99
C LYS C 184 -5.08 23.35 -21.02
N VAL C 185 -4.86 23.98 -19.87
CA VAL C 185 -5.85 23.99 -18.80
C VAL C 185 -6.15 25.44 -18.43
N LYS C 186 -7.26 25.62 -17.70
CA LYS C 186 -7.74 26.93 -17.31
C LYS C 186 -8.29 26.81 -15.89
N ASN C 187 -8.49 27.96 -15.24
CA ASN C 187 -9.05 28.01 -13.88
C ASN C 187 -8.19 27.20 -12.90
N LEU C 188 -6.89 27.37 -12.99
CA LEU C 188 -5.99 26.64 -12.09
C LEU C 188 -6.19 27.15 -10.67
N ARG C 189 -6.41 26.24 -9.73
CA ARG C 189 -6.66 26.62 -8.32
C ARG C 189 -5.89 25.70 -7.38
N TYR C 190 -5.09 26.30 -6.49
CA TYR C 190 -4.38 25.53 -5.48
C TYR C 190 -5.38 24.99 -4.47
N VAL C 191 -5.19 23.75 -4.07
CA VAL C 191 -6.03 23.07 -3.08
C VAL C 191 -5.28 22.87 -1.76
N THR C 192 -4.19 22.11 -1.80
CA THR C 192 -3.53 21.75 -0.54
C THR C 192 -2.10 21.33 -0.86
N SER C 193 -1.43 20.80 0.16
CA SER C 193 -0.07 20.32 -0.02
C SER C 193 0.12 19.08 0.83
N GLN C 194 1.09 18.24 0.44
CA GLN C 194 1.40 17.00 1.12
C GLN C 194 2.85 16.56 0.94
N PRO C 195 3.64 16.52 1.97
CA PRO C 195 5.00 15.99 1.79
C PRO C 195 4.93 14.50 1.50
N TRP C 196 5.77 14.04 0.59
CA TRP C 196 5.73 12.66 0.10
C TRP C 196 7.17 12.14 0.18
N PRO C 197 7.49 11.31 1.19
CA PRO C 197 8.88 10.87 1.41
C PRO C 197 9.33 9.76 0.45
N PHE C 198 9.30 10.04 -0.85
CA PHE C 198 9.65 9.04 -1.86
C PHE C 198 10.42 9.64 -3.03
N PRO C 199 11.67 10.08 -2.80
CA PRO C 199 12.32 10.06 -1.50
C PRO C 199 12.13 11.37 -0.72
N GLN C 200 11.88 12.51 -1.37
CA GLN C 200 11.84 13.77 -0.55
C GLN C 200 11.01 14.86 -1.24
N SER C 201 9.78 14.54 -1.59
CA SER C 201 9.02 15.49 -2.38
C SER C 201 8.07 16.30 -1.50
N LEU C 202 7.73 17.49 -1.96
CA LEU C 202 6.68 18.26 -1.33
C LEU C 202 5.63 18.46 -2.41
N MET C 203 4.48 17.79 -2.25
CA MET C 203 3.45 17.85 -3.28
C MET C 203 2.60 19.10 -3.10
N THR C 204 2.43 19.87 -4.16
CA THR C 204 1.48 21.00 -4.17
C THR C 204 0.35 20.59 -5.09
N ALA C 205 -0.86 20.59 -4.54
CA ALA C 205 -2.05 20.01 -5.19
C ALA C 205 -2.88 21.12 -5.81
N PHE C 206 -3.23 20.96 -7.09
CA PHE C 206 -4.06 21.91 -7.84
C PHE C 206 -5.22 21.22 -8.52
N MET C 207 -6.28 21.99 -8.78
CA MET C 207 -7.35 21.56 -9.67
C MET C 207 -7.40 22.51 -10.86
N ALA C 208 -7.81 22.00 -12.01
CA ALA C 208 -7.85 22.78 -13.24
C ALA C 208 -8.95 22.25 -14.17
N GLU C 209 -9.32 23.06 -15.17
CA GLU C 209 -10.33 22.70 -16.14
C GLU C 209 -9.71 22.57 -17.53
N TYR C 210 -10.25 21.67 -18.34
CA TYR C 210 -9.78 21.51 -19.70
C TYR C 210 -10.01 22.79 -20.48
N ASP C 211 -8.98 23.29 -21.14
CA ASP C 211 -9.13 24.42 -22.03
C ASP C 211 -9.08 23.97 -23.48
N SER C 212 -7.98 23.34 -23.90
CA SER C 212 -7.84 22.94 -25.30
C SER C 212 -6.71 21.93 -25.45
N GLY C 213 -6.70 21.25 -26.59
CA GLY C 213 -5.64 20.34 -26.97
C GLY C 213 -6.11 18.89 -26.99
N ASP C 214 -5.43 18.09 -27.80
CA ASP C 214 -5.66 16.65 -27.88
C ASP C 214 -4.63 15.92 -27.05
N ILE C 215 -5.04 14.78 -26.49
CA ILE C 215 -4.13 14.01 -25.65
C ILE C 215 -3.08 13.38 -26.54
N VAL C 216 -1.83 13.78 -26.34
CA VAL C 216 -0.67 13.18 -27.02
C VAL C 216 0.32 12.88 -25.93
N ILE C 217 0.57 11.60 -25.72
CA ILE C 217 1.40 11.18 -24.60
C ILE C 217 2.75 10.68 -25.11
N ASP C 218 3.76 10.75 -24.23
CA ASP C 218 5.07 10.20 -24.53
C ASP C 218 5.08 8.74 -24.10
N PRO C 219 5.22 7.79 -25.03
CA PRO C 219 5.25 6.37 -24.61
C PRO C 219 6.28 6.05 -23.53
N LYS C 220 7.38 6.82 -23.44
CA LYS C 220 8.35 6.58 -22.38
C LYS C 220 7.87 7.10 -21.03
N GLU C 221 6.93 8.02 -21.01
CA GLU C 221 6.39 8.46 -19.74
C GLU C 221 4.99 7.98 -19.37
N LEU C 222 4.03 7.90 -20.27
CA LEU C 222 2.70 7.42 -19.90
C LEU C 222 2.37 6.17 -20.70
N LEU C 223 1.76 5.16 -20.05
CA LEU C 223 1.27 4.02 -20.81
C LEU C 223 -0.02 4.38 -21.55
N GLU C 224 -0.91 5.06 -20.86
CA GLU C 224 -2.15 5.51 -21.54
C GLU C 224 -2.71 6.69 -20.76
N ALA C 225 -3.59 7.44 -21.40
CA ALA C 225 -4.25 8.53 -20.70
C ALA C 225 -5.58 8.80 -21.39
N ASN C 226 -6.62 9.03 -20.59
CA ASN C 226 -7.94 9.29 -21.16
C ASN C 226 -8.86 9.97 -20.14
N TRP C 227 -10.03 10.41 -20.61
CA TRP C 227 -11.06 11.04 -19.79
C TRP C 227 -11.99 9.97 -19.21
N TYR C 228 -12.18 9.97 -17.90
CA TYR C 228 -13.03 8.99 -17.24
C TYR C 228 -14.16 9.71 -16.52
N ARG C 229 -15.38 9.17 -16.59
CA ARG C 229 -16.51 9.89 -16.03
C ARG C 229 -16.48 9.70 -14.51
N TYR C 230 -16.76 10.80 -13.80
CA TYR C 230 -16.69 10.84 -12.32
C TYR C 230 -17.46 9.69 -11.66
N ASP C 231 -18.56 9.21 -12.27
CA ASP C 231 -19.39 8.16 -11.63
C ASP C 231 -18.97 6.76 -12.08
N ASP C 232 -18.00 6.66 -12.99
CA ASP C 232 -17.54 5.32 -13.44
C ASP C 232 -16.02 5.34 -13.58
N LEU C 233 -15.31 5.52 -12.47
CA LEU C 233 -13.82 5.63 -12.51
C LEU C 233 -13.16 4.25 -12.41
N PRO C 234 -11.94 4.09 -12.96
CA PRO C 234 -11.19 2.84 -12.88
C PRO C 234 -10.37 2.74 -11.58
N LEU C 235 -9.44 1.78 -11.52
CA LEU C 235 -8.62 1.65 -10.29
C LEU C 235 -7.88 2.99 -10.07
N LEU C 236 -7.94 3.50 -8.85
CA LEU C 236 -7.35 4.82 -8.51
C LEU C 236 -6.28 4.65 -7.43
N PRO C 237 -5.44 5.69 -7.19
CA PRO C 237 -4.46 5.72 -6.09
C PRO C 237 -5.32 5.72 -4.83
N PRO C 238 -4.92 5.04 -3.56
CA PRO C 238 -5.64 4.79 -2.28
C PRO C 238 -5.95 6.06 -1.50
N PRO C 239 -7.01 6.05 -0.71
CA PRO C 239 -7.30 7.19 0.17
C PRO C 239 -6.11 7.45 1.08
N GLY C 240 -5.92 8.72 1.41
CA GLY C 240 -4.75 9.16 2.12
C GLY C 240 -3.73 9.82 1.23
N THR C 241 -3.77 9.54 -0.07
CA THR C 241 -2.92 10.27 -1.01
C THR C 241 -3.61 11.56 -1.47
N VAL C 242 -2.79 12.57 -1.72
CA VAL C 242 -3.37 13.81 -2.22
C VAL C 242 -3.88 13.61 -3.65
N ALA C 243 -3.33 12.66 -4.40
CA ALA C 243 -3.87 12.37 -5.73
C ALA C 243 -5.32 11.88 -5.64
N ARG C 244 -5.57 10.94 -4.73
CA ARG C 244 -6.94 10.49 -4.54
C ARG C 244 -7.80 11.61 -3.96
N ARG C 245 -7.23 12.42 -3.06
CA ARG C 245 -8.00 13.56 -2.55
C ARG C 245 -8.43 14.50 -3.68
N LEU C 246 -7.51 14.83 -4.59
CA LEU C 246 -7.89 15.68 -5.74
C LEU C 246 -8.96 15.01 -6.60
N ILE C 247 -8.83 13.71 -6.83
CA ILE C 247 -9.83 13.02 -7.63
C ILE C 247 -11.18 13.07 -6.95
N GLU C 248 -11.21 12.81 -5.65
CA GLU C 248 -12.47 12.84 -4.91
C GLU C 248 -13.08 14.23 -4.86
N ASP C 249 -12.26 15.28 -4.75
CA ASP C 249 -12.81 16.65 -4.81
C ASP C 249 -13.41 16.92 -6.20
N THR C 250 -12.76 16.43 -7.25
CA THR C 250 -13.34 16.58 -8.58
C THR C 250 -14.69 15.85 -8.65
N VAL C 251 -14.77 14.64 -8.10
CA VAL C 251 -16.03 13.89 -8.07
C VAL C 251 -17.08 14.67 -7.27
N ALA C 252 -16.68 15.23 -6.13
CA ALA C 252 -17.60 16.02 -5.30
C ALA C 252 -18.13 17.24 -6.06
N MET C 253 -17.28 17.92 -6.84
CA MET C 253 -17.78 19.05 -7.64
C MET C 253 -18.81 18.57 -8.65
N CYS C 254 -18.52 17.45 -9.31
CA CYS C 254 -19.49 16.91 -10.27
C CYS C 254 -20.75 16.43 -9.57
N ARG C 255 -20.61 15.86 -8.37
CA ARG C 255 -21.92 15.51 -7.81
C ARG C 255 -22.72 16.67 -7.38
N ALA C 256 -22.15 17.76 -6.97
CA ALA C 256 -22.95 18.89 -6.62
C ALA C 256 -23.56 19.49 -7.86
N GLU C 257 -22.86 19.45 -8.99
CA GLU C 257 -23.39 20.11 -10.22
C GLU C 257 -24.36 19.23 -11.01
N TYR C 258 -24.14 17.91 -11.04
CA TYR C 258 -24.96 17.03 -11.88
C TYR C 258 -25.96 16.25 -11.05
N HIS D 2 17.41 21.12 -22.09
CA HIS D 2 18.79 20.86 -21.64
C HIS D 2 19.67 20.37 -22.79
N MET D 3 20.61 21.23 -23.20
CA MET D 3 21.51 20.92 -24.30
C MET D 3 22.80 21.70 -24.13
N ASP D 4 23.93 21.00 -24.25
CA ASP D 4 25.21 21.67 -24.22
C ASP D 4 25.69 21.93 -25.65
N ARG D 5 26.49 22.99 -25.78
CA ARG D 5 27.01 23.43 -27.07
C ARG D 5 28.33 24.14 -26.83
N ILE D 6 29.27 23.95 -27.75
CA ILE D 6 30.49 24.73 -27.75
C ILE D 6 30.24 26.02 -28.53
N ILE D 7 30.57 27.16 -27.92
CA ILE D 7 30.14 28.45 -28.43
C ILE D 7 30.93 28.80 -29.69
N GLU D 8 30.21 29.05 -30.79
CA GLU D 8 30.80 29.54 -32.03
C GLU D 8 30.67 31.07 -32.11
N LYS D 9 31.52 31.69 -32.93
CA LYS D 9 31.50 33.15 -32.98
C LYS D 9 30.18 33.68 -33.55
N LEU D 10 29.43 32.88 -34.30
CA LEU D 10 28.18 33.37 -34.86
C LEU D 10 26.94 32.90 -34.09
N ASP D 11 27.13 32.48 -32.83
CA ASP D 11 25.99 32.13 -31.96
C ASP D 11 25.39 33.40 -31.37
N HIS D 12 24.06 33.48 -31.37
CA HIS D 12 23.36 34.69 -30.97
C HIS D 12 22.34 34.44 -29.88
N GLY D 13 22.22 35.39 -28.95
CA GLY D 13 21.19 35.27 -27.94
C GLY D 13 21.58 35.98 -26.65
N TRP D 14 20.98 35.50 -25.56
CA TRP D 14 21.21 36.02 -24.22
C TRP D 14 22.26 35.15 -23.54
N TRP D 15 23.26 35.80 -22.94
CA TRP D 15 24.38 35.06 -22.34
C TRP D 15 24.43 35.37 -20.85
N VAL D 16 24.11 34.37 -20.04
CA VAL D 16 24.20 34.47 -18.58
C VAL D 16 25.53 33.82 -18.20
N VAL D 17 26.53 34.66 -17.93
CA VAL D 17 27.86 34.20 -17.53
C VAL D 17 27.96 34.33 -16.02
N SER D 18 28.00 33.19 -15.33
CA SER D 18 27.80 33.21 -13.88
C SER D 18 28.83 32.35 -13.18
N HIS D 19 29.17 32.74 -11.96
CA HIS D 19 30.05 31.94 -11.12
C HIS D 19 29.97 32.47 -9.69
N GLU D 20 29.94 31.55 -8.73
CA GLU D 20 29.83 31.86 -7.30
C GLU D 20 28.73 32.88 -7.03
N GLN D 21 27.53 32.56 -7.52
CA GLN D 21 26.28 33.28 -7.29
C GLN D 21 26.28 34.70 -7.85
N LYS D 22 27.21 35.05 -8.73
CA LYS D 22 27.21 36.31 -9.43
C LYS D 22 27.14 36.07 -10.94
N LEU D 23 26.79 37.11 -11.69
CA LEU D 23 26.75 37.04 -13.15
C LEU D 23 27.34 38.31 -13.76
N TRP D 24 27.91 38.15 -14.94
CA TRP D 24 28.58 39.21 -15.69
C TRP D 24 27.57 40.17 -16.31
N LEU D 25 27.64 41.45 -15.93
CA LEU D 25 26.72 42.48 -16.44
C LEU D 25 27.54 43.63 -17.02
N PRO D 26 28.06 43.48 -18.23
CA PRO D 26 28.86 44.56 -18.83
C PRO D 26 27.99 45.78 -19.12
N LYS D 27 28.47 46.94 -18.69
CA LYS D 27 27.76 48.20 -18.82
C LYS D 27 26.40 48.20 -18.11
N GLY D 28 26.24 47.31 -17.13
CA GLY D 28 25.04 47.19 -16.32
C GLY D 28 23.88 46.46 -16.97
N GLU D 29 24.11 45.72 -18.04
CA GLU D 29 23.07 45.00 -18.73
C GLU D 29 23.49 43.54 -18.93
N LEU D 30 22.49 42.68 -19.10
CA LEU D 30 22.74 41.27 -19.37
C LEU D 30 23.27 41.12 -20.80
N PRO D 31 24.40 40.43 -20.99
CA PRO D 31 24.95 40.30 -22.35
C PRO D 31 23.89 39.79 -23.32
N TYR D 32 23.80 40.45 -24.47
CA TYR D 32 22.88 40.05 -25.52
C TYR D 32 23.54 40.37 -26.85
N GLY D 33 23.56 39.39 -27.75
CA GLY D 33 24.17 39.63 -29.04
C GLY D 33 25.02 38.44 -29.44
N GLU D 34 26.11 38.68 -30.16
CA GLU D 34 26.83 37.48 -30.52
C GLU D 34 28.05 37.24 -29.67
N ALA D 35 28.40 35.95 -29.59
CA ALA D 35 29.52 35.47 -28.78
C ALA D 35 30.83 36.14 -29.17
N ALA D 36 31.00 36.45 -30.46
CA ALA D 36 32.21 37.10 -30.91
C ALA D 36 32.46 38.39 -30.15
N ASN D 37 31.40 39.06 -29.73
CA ASN D 37 31.48 40.34 -29.02
C ASN D 37 31.66 40.21 -27.52
N PHE D 38 31.61 38.98 -26.98
CA PHE D 38 31.67 38.79 -25.53
C PHE D 38 32.81 37.86 -25.12
N ASP D 39 33.70 37.50 -26.04
CA ASP D 39 34.84 36.62 -25.77
C ASP D 39 34.38 35.29 -25.19
N LEU D 40 33.27 34.78 -25.71
CA LEU D 40 32.71 33.51 -25.28
C LEU D 40 33.03 32.36 -26.23
N VAL D 41 33.71 32.65 -27.33
CA VAL D 41 33.93 31.62 -28.33
C VAL D 41 34.84 30.53 -27.76
N GLY D 42 34.41 29.29 -27.94
CA GLY D 42 35.14 28.14 -27.46
C GLY D 42 34.79 27.66 -26.07
N GLN D 43 33.84 28.28 -25.41
CA GLN D 43 33.44 27.85 -24.08
C GLN D 43 32.21 26.96 -24.22
N ARG D 44 31.93 26.19 -23.19
CA ARG D 44 30.75 25.36 -23.24
C ARG D 44 29.60 26.15 -22.62
N ALA D 45 28.42 26.02 -23.22
CA ALA D 45 27.24 26.72 -22.78
C ALA D 45 26.11 25.72 -22.74
N LEU D 46 25.15 25.96 -21.85
CA LEU D 46 23.96 25.14 -21.68
C LEU D 46 22.74 26.02 -21.90
N GLN D 47 21.82 25.60 -22.77
CA GLN D 47 20.65 26.43 -23.00
C GLN D 47 19.67 26.26 -21.84
N ILE D 48 19.36 27.36 -21.16
CA ILE D 48 18.50 27.32 -19.98
C ILE D 48 17.10 27.89 -20.24
N GLY D 49 16.88 28.52 -21.38
CA GLY D 49 15.55 28.99 -21.69
C GLY D 49 15.58 29.76 -22.99
N GLU D 50 14.52 30.54 -23.21
CA GLU D 50 14.36 31.32 -24.42
C GLU D 50 13.56 32.56 -24.07
N TRP D 51 13.96 33.70 -24.64
CA TRP D 51 13.33 34.97 -24.33
C TRP D 51 13.25 35.85 -25.59
N GLN D 52 12.04 36.28 -25.90
CA GLN D 52 11.77 37.12 -27.08
C GLN D 52 12.33 36.46 -28.34
N GLY D 53 12.15 35.15 -28.44
CA GLY D 53 12.56 34.38 -29.60
C GLY D 53 14.03 34.03 -29.67
N GLU D 54 14.83 34.36 -28.66
CA GLU D 54 16.25 34.06 -28.68
C GLU D 54 16.66 33.15 -27.53
N PRO D 55 17.53 32.17 -27.78
CA PRO D 55 17.95 31.28 -26.70
C PRO D 55 18.66 32.04 -25.59
N VAL D 56 18.52 31.51 -24.37
CA VAL D 56 19.23 32.01 -23.21
C VAL D 56 20.23 30.94 -22.79
N TRP D 57 21.51 31.31 -22.76
CA TRP D 57 22.59 30.37 -22.51
C TRP D 57 23.20 30.60 -21.13
N LEU D 58 23.64 29.51 -20.51
CA LEU D 58 24.37 29.58 -19.26
C LEU D 58 25.83 29.24 -19.54
N VAL D 59 26.71 30.14 -19.13
CA VAL D 59 28.15 29.93 -19.23
C VAL D 59 28.71 30.02 -17.82
N GLN D 60 29.42 28.98 -17.40
CA GLN D 60 30.05 28.90 -16.07
C GLN D 60 31.47 29.42 -16.19
N GLN D 61 31.65 30.69 -15.89
CA GLN D 61 32.92 31.35 -16.12
C GLN D 61 32.98 32.53 -15.16
N GLN D 62 34.16 32.77 -14.60
CA GLN D 62 34.35 33.88 -13.69
C GLN D 62 35.09 34.98 -14.44
N ARG D 63 34.51 36.17 -14.48
CA ARG D 63 35.16 37.33 -15.06
C ARG D 63 35.72 38.21 -13.95
N ARG D 64 36.74 38.98 -14.29
CA ARG D 64 37.44 39.83 -13.29
C ARG D 64 36.61 41.08 -12.95
N HIS D 65 35.72 41.54 -13.83
CA HIS D 65 34.91 42.74 -13.56
C HIS D 65 33.45 42.56 -13.96
N ASP D 66 32.62 43.45 -13.41
CA ASP D 66 31.19 43.56 -13.70
C ASP D 66 30.45 42.30 -13.29
N MET D 67 30.92 41.63 -12.25
CA MET D 67 30.22 40.47 -11.71
C MET D 67 29.42 40.95 -10.51
N GLY D 68 28.11 40.83 -10.61
CA GLY D 68 27.23 41.37 -9.60
C GLY D 68 26.14 40.39 -9.26
N SER D 69 25.26 40.84 -8.39
CA SER D 69 24.14 40.04 -7.94
C SER D 69 23.04 40.10 -9.00
N VAL D 70 22.28 39.01 -9.08
CA VAL D 70 21.17 39.01 -10.02
C VAL D 70 20.16 40.07 -9.59
N ARG D 71 20.19 40.49 -8.32
CA ARG D 71 19.30 41.55 -7.89
C ARG D 71 19.48 42.82 -8.73
N GLN D 72 20.69 43.02 -9.28
CA GLN D 72 20.95 44.24 -10.03
C GLN D 72 20.14 44.32 -11.32
N VAL D 73 19.59 43.20 -11.80
CA VAL D 73 18.76 43.26 -12.99
C VAL D 73 17.31 42.90 -12.68
N ILE D 74 16.88 43.09 -11.42
CA ILE D 74 15.51 42.77 -11.06
C ILE D 74 14.49 43.67 -11.77
N ASP D 75 14.92 44.76 -12.39
CA ASP D 75 13.94 45.55 -13.12
C ASP D 75 13.69 45.01 -14.50
N LEU D 76 14.32 43.90 -14.85
CA LEU D 76 13.95 43.32 -16.12
C LEU D 76 12.57 42.70 -16.01
N ASP D 77 12.04 42.34 -17.17
CA ASP D 77 10.78 41.64 -17.20
C ASP D 77 10.91 40.35 -16.40
N VAL D 78 9.83 39.98 -15.70
CA VAL D 78 9.91 38.85 -14.77
C VAL D 78 10.43 37.60 -15.48
N GLY D 79 9.94 37.31 -16.68
CA GLY D 79 10.37 36.11 -17.37
C GLY D 79 11.87 36.08 -17.57
N LEU D 80 12.42 37.21 -18.04
CA LEU D 80 13.85 37.29 -18.29
C LEU D 80 14.65 37.26 -16.99
N PHE D 81 14.18 38.00 -15.99
CA PHE D 81 14.84 37.97 -14.68
C PHE D 81 14.88 36.55 -14.11
N GLN D 82 13.76 35.84 -14.12
CA GLN D 82 13.78 34.49 -13.58
C GLN D 82 14.65 33.57 -14.43
N LEU D 83 14.74 33.80 -15.74
CA LEU D 83 15.70 33.01 -16.52
C LEU D 83 17.16 33.34 -16.13
N ALA D 84 17.46 34.62 -15.86
CA ALA D 84 18.81 34.93 -15.37
C ALA D 84 19.08 34.26 -14.03
N GLY D 85 18.08 34.30 -13.15
CA GLY D 85 18.19 33.59 -11.88
C GLY D 85 18.32 32.09 -12.05
N ARG D 86 17.60 31.52 -13.01
CA ARG D 86 17.80 30.10 -13.29
C ARG D 86 19.24 29.81 -13.64
N GLY D 87 19.87 30.62 -14.48
CA GLY D 87 21.27 30.39 -14.81
C GLY D 87 22.16 30.48 -13.58
N VAL D 88 21.95 31.51 -12.76
CA VAL D 88 22.78 31.68 -11.58
C VAL D 88 22.63 30.50 -10.62
N GLN D 89 21.38 30.07 -10.40
CA GLN D 89 21.13 28.95 -9.50
C GLN D 89 21.72 27.65 -10.05
N LEU D 90 21.60 27.43 -11.37
CA LEU D 90 22.15 26.20 -11.95
C LEU D 90 23.67 26.22 -11.91
N ALA D 91 24.28 27.38 -12.16
CA ALA D 91 25.74 27.43 -12.05
C ALA D 91 26.20 27.11 -10.63
N GLU D 92 25.49 27.62 -9.63
CA GLU D 92 25.84 27.25 -8.25
C GLU D 92 25.53 25.77 -7.96
N PHE D 93 24.43 25.23 -8.49
CA PHE D 93 24.16 23.79 -8.36
C PHE D 93 25.36 22.98 -8.85
N TYR D 94 25.83 23.30 -10.07
CA TYR D 94 26.95 22.53 -10.62
C TYR D 94 28.21 22.68 -9.77
N ARG D 95 28.47 23.91 -9.28
CA ARG D 95 29.62 24.17 -8.42
C ARG D 95 29.52 23.40 -7.10
N SER D 96 28.32 23.37 -6.53
CA SER D 96 28.01 22.70 -5.26
C SER D 96 28.12 21.17 -5.32
N HIS D 97 28.22 20.56 -6.51
CA HIS D 97 28.38 19.11 -6.49
C HIS D 97 29.52 18.67 -7.40
N LYS D 98 30.63 19.40 -7.42
CA LYS D 98 31.81 18.88 -8.10
C LYS D 98 32.19 17.51 -7.57
N TYR D 99 32.13 17.36 -6.25
CA TYR D 99 32.43 16.06 -5.62
C TYR D 99 31.13 15.47 -5.08
N CYS D 100 31.03 14.15 -5.13
CA CYS D 100 29.83 13.46 -4.63
C CYS D 100 29.86 13.50 -3.10
N GLY D 101 28.77 13.94 -2.50
CA GLY D 101 28.66 14.02 -1.02
C GLY D 101 28.76 12.65 -0.38
N TYR D 102 28.19 11.63 -1.04
CA TYR D 102 28.19 10.25 -0.50
C TYR D 102 29.57 9.59 -0.48
N CYS D 103 30.34 9.67 -1.57
CA CYS D 103 31.61 8.91 -1.64
C CYS D 103 32.86 9.78 -1.87
N GLY D 104 32.71 11.07 -2.16
CA GLY D 104 33.87 11.96 -2.34
C GLY D 104 34.48 11.95 -3.73
N HIS D 105 34.06 11.04 -4.62
CA HIS D 105 34.62 10.98 -5.97
C HIS D 105 34.04 12.10 -6.81
N GLU D 106 34.73 12.45 -7.90
CA GLU D 106 34.26 13.55 -8.74
C GLU D 106 32.98 13.14 -9.50
N MET D 107 32.09 14.12 -9.71
CA MET D 107 30.84 13.94 -10.42
C MET D 107 30.91 14.62 -11.79
N TYR D 108 29.85 14.44 -12.59
CA TYR D 108 29.76 15.06 -13.91
C TYR D 108 28.29 15.36 -14.22
N PRO D 109 28.03 16.33 -15.09
CA PRO D 109 26.64 16.70 -15.37
C PRO D 109 25.95 15.66 -16.23
N SER D 110 24.67 15.46 -15.98
CA SER D 110 23.91 14.54 -16.79
C SER D 110 23.79 15.11 -18.20
N LYS D 111 23.85 14.23 -19.19
CA LYS D 111 23.68 14.66 -20.57
C LYS D 111 22.23 14.97 -20.92
N THR D 112 21.25 14.37 -20.22
CA THR D 112 19.85 14.48 -20.63
C THR D 112 19.00 15.33 -19.72
N GLU D 113 19.39 15.53 -18.46
CA GLU D 113 18.57 16.30 -17.54
C GLU D 113 19.48 17.12 -16.63
N TRP D 114 18.86 18.06 -15.92
CA TRP D 114 19.55 18.96 -15.02
C TRP D 114 19.83 18.17 -13.75
N ALA D 115 21.01 17.54 -13.73
CA ALA D 115 21.41 16.71 -12.61
C ALA D 115 22.91 16.48 -12.67
N MET D 116 23.47 16.06 -11.54
CA MET D 116 24.86 15.61 -11.47
C MET D 116 24.87 14.12 -11.18
N LEU D 117 25.74 13.42 -11.90
CA LEU D 117 25.91 11.95 -11.75
C LEU D 117 27.31 11.67 -11.19
N CYS D 118 27.48 10.57 -10.47
CA CYS D 118 28.78 10.26 -9.83
C CYS D 118 29.62 9.33 -10.72
N SER D 119 30.91 9.63 -10.83
CA SER D 119 31.90 8.81 -11.58
C SER D 119 32.15 7.47 -10.89
N HIS D 120 31.91 7.37 -9.58
CA HIS D 120 32.11 6.09 -8.86
C HIS D 120 30.80 5.41 -8.45
N CYS D 121 29.89 6.11 -7.76
CA CYS D 121 28.66 5.46 -7.23
C CYS D 121 27.40 5.81 -8.05
N ARG D 122 26.29 5.14 -7.72
CA ARG D 122 24.98 5.28 -8.42
C ARG D 122 24.18 6.46 -7.89
N GLU D 123 24.69 7.20 -6.92
CA GLU D 123 23.88 8.29 -6.37
C GLU D 123 23.90 9.53 -7.27
N ARG D 124 22.92 10.41 -7.08
CA ARG D 124 22.89 11.56 -7.95
C ARG D 124 22.25 12.72 -7.18
N TYR D 125 22.42 13.92 -7.70
CA TYR D 125 21.78 15.10 -7.11
C TYR D 125 21.05 15.88 -8.18
N TYR D 126 20.00 16.60 -7.75
CA TYR D 126 19.16 17.46 -8.55
C TYR D 126 19.15 18.86 -7.95
N PRO D 127 18.94 19.89 -8.75
CA PRO D 127 18.97 21.26 -8.23
C PRO D 127 18.09 21.42 -7.00
N GLN D 128 18.62 22.08 -5.97
CA GLN D 128 17.89 22.26 -4.72
C GLN D 128 17.07 23.54 -4.79
N ILE D 129 15.79 23.41 -4.56
CA ILE D 129 14.85 24.53 -4.45
C ILE D 129 14.32 24.52 -3.03
N ALA D 130 14.44 25.62 -2.32
CA ALA D 130 14.04 25.65 -0.93
C ALA D 130 12.64 26.23 -0.83
N PRO D 131 11.60 25.42 -0.54
CA PRO D 131 10.27 26.00 -0.36
C PRO D 131 10.26 26.93 0.84
N CYS D 132 9.62 28.07 0.64
CA CYS D 132 9.57 29.10 1.69
C CYS D 132 8.16 29.66 1.60
N ILE D 133 7.53 29.94 2.73
CA ILE D 133 6.17 30.48 2.70
C ILE D 133 6.32 31.95 3.01
N ILE D 134 5.35 32.73 2.55
CA ILE D 134 5.32 34.15 2.88
C ILE D 134 3.86 34.49 3.05
N VAL D 135 3.52 35.25 4.10
CA VAL D 135 2.10 35.40 4.37
C VAL D 135 1.84 36.81 4.92
N ALA D 136 0.78 37.41 4.37
CA ALA D 136 0.26 38.72 4.80
C ALA D 136 -0.93 38.49 5.71
N ILE D 137 -0.84 38.98 6.95
CA ILE D 137 -1.89 38.76 7.94
C ILE D 137 -2.68 40.06 8.07
N ARG D 138 -3.98 39.98 7.79
CA ARG D 138 -4.86 41.16 7.88
C ARG D 138 -5.63 41.14 9.21
N ARG D 139 -5.73 42.28 9.87
CA ARG D 139 -6.54 42.41 11.11
C ARG D 139 -7.47 43.61 10.90
N ASP D 140 -8.71 43.36 10.47
CA ASP D 140 -9.67 44.47 10.23
C ASP D 140 -9.07 45.44 9.21
N ASP D 141 -8.82 46.67 9.63
CA ASP D 141 -8.27 47.72 8.72
C ASP D 141 -6.73 47.78 8.76
N SER D 142 -6.06 46.81 9.38
CA SER D 142 -4.57 46.85 9.46
C SER D 142 -3.91 45.55 8.95
N ILE D 143 -2.61 45.64 8.67
CA ILE D 143 -1.77 44.56 8.17
C ILE D 143 -0.53 44.49 9.06
N LEU D 144 -0.10 43.28 9.36
CA LEU D 144 1.08 43.05 10.19
C LEU D 144 2.34 43.21 9.36
N LEU D 145 3.15 44.21 9.65
CA LEU D 145 4.43 44.34 8.97
C LEU D 145 5.54 44.34 10.00
N ALA D 146 6.70 43.85 9.60
CA ALA D 146 7.77 43.64 10.57
C ALA D 146 9.09 44.08 9.99
N GLN D 147 9.97 44.49 10.88
CA GLN D 147 11.35 44.83 10.57
C GLN D 147 12.25 43.75 11.16
N HIS D 148 13.17 43.28 10.32
CA HIS D 148 14.08 42.17 10.57
C HIS D 148 15.45 42.68 11.03
N THR D 149 16.09 41.91 11.90
CA THR D 149 17.40 42.25 12.44
C THR D 149 18.47 42.14 11.37
N ARG D 150 18.24 41.21 10.43
CA ARG D 150 19.18 40.98 9.35
C ARG D 150 19.28 42.04 8.30
N HIS D 151 18.22 42.81 8.09
CA HIS D 151 18.24 43.86 7.11
C HIS D 151 17.87 45.13 7.83
N ARG D 152 18.82 45.74 8.54
CA ARG D 152 18.15 46.88 9.13
C ARG D 152 18.13 48.14 8.27
N ASN D 153 17.09 48.05 7.48
CA ASN D 153 16.68 49.11 6.59
C ASN D 153 15.31 49.59 7.06
N GLY D 154 14.75 50.54 6.33
CA GLY D 154 13.47 51.10 6.68
C GLY D 154 12.31 50.32 6.14
N VAL D 155 12.54 49.18 5.49
CA VAL D 155 11.44 48.48 4.85
C VAL D 155 10.79 47.56 5.88
N HIS D 156 9.46 47.71 5.95
CA HIS D 156 8.58 46.86 6.78
C HIS D 156 7.95 45.87 5.78
N THR D 157 7.99 44.59 6.10
CA THR D 157 7.50 43.56 5.15
C THR D 157 6.70 42.49 5.91
N VAL D 158 6.06 41.59 5.16
CA VAL D 158 5.25 40.47 5.71
C VAL D 158 6.17 39.34 6.22
N LEU D 159 5.62 38.43 7.02
CA LEU D 159 6.37 37.28 7.61
C LEU D 159 6.69 36.22 6.55
N ALA D 160 7.84 35.56 6.69
CA ALA D 160 8.24 34.50 5.74
C ALA D 160 9.17 33.50 6.42
N GLY D 161 9.23 32.28 5.89
CA GLY D 161 10.17 31.31 6.46
C GLY D 161 10.21 30.02 5.67
N PHE D 162 11.22 29.21 5.98
CA PHE D 162 11.44 27.98 5.21
C PHE D 162 10.53 26.88 5.69
N VAL D 163 10.14 26.02 4.75
CA VAL D 163 9.31 24.86 5.05
C VAL D 163 10.22 23.75 5.57
N GLU D 164 9.80 23.06 6.62
CA GLU D 164 10.63 21.98 7.16
C GLU D 164 10.34 20.64 6.49
N VAL D 165 11.29 19.71 6.63
CA VAL D 165 11.13 18.38 6.04
C VAL D 165 9.94 17.70 6.69
N GLY D 166 9.01 17.22 5.86
CA GLY D 166 7.83 16.56 6.37
C GLY D 166 6.74 17.49 6.82
N GLU D 167 6.80 18.77 6.47
CA GLU D 167 5.82 19.76 6.87
C GLU D 167 5.02 20.24 5.65
N THR D 168 3.72 20.48 5.83
CA THR D 168 2.94 21.02 4.72
C THR D 168 3.15 22.54 4.60
N LEU D 169 2.70 23.11 3.49
CA LEU D 169 2.81 24.57 3.36
C LEU D 169 1.94 25.27 4.40
N GLU D 170 0.77 24.70 4.69
CA GLU D 170 -0.14 25.28 5.70
C GLU D 170 0.46 25.19 7.11
N GLN D 171 1.08 24.07 7.44
CA GLN D 171 1.76 23.96 8.73
C GLN D 171 2.93 24.93 8.82
N ALA D 172 3.67 25.10 7.74
CA ALA D 172 4.79 26.03 7.81
C ALA D 172 4.30 27.44 8.10
N VAL D 173 3.19 27.86 7.48
CA VAL D 173 2.70 29.21 7.77
C VAL D 173 2.36 29.34 9.24
N ALA D 174 1.57 28.38 9.77
CA ALA D 174 1.13 28.51 11.16
C ALA D 174 2.33 28.57 12.10
N ARG D 175 3.31 27.68 11.89
CA ARG D 175 4.51 27.63 12.75
C ARG D 175 5.34 28.88 12.65
N GLU D 176 5.63 29.35 11.43
CA GLU D 176 6.50 30.51 11.29
C GLU D 176 5.87 31.76 11.89
N VAL D 177 4.56 31.91 11.71
CA VAL D 177 3.90 33.06 12.33
C VAL D 177 3.95 32.97 13.85
N MET D 178 3.73 31.76 14.41
CA MET D 178 3.81 31.59 15.87
C MET D 178 5.24 31.88 16.39
N GLU D 179 6.26 31.33 15.71
CA GLU D 179 7.64 31.52 16.16
C GLU D 179 8.05 32.98 16.08
N GLN D 180 7.66 33.65 15.00
CA GLN D 180 8.11 35.01 14.75
C GLN D 180 7.27 36.05 15.48
N SER D 181 5.97 35.82 15.63
CA SER D 181 5.11 36.83 16.24
C SER D 181 4.17 36.30 17.30
N GLY D 182 4.02 34.99 17.46
CA GLY D 182 3.10 34.41 18.45
C GLY D 182 1.63 34.51 18.11
N ILE D 183 1.29 34.75 16.86
CA ILE D 183 -0.10 34.99 16.46
C ILE D 183 -0.67 33.75 15.78
N LYS D 184 -1.93 33.49 16.07
CA LYS D 184 -2.70 32.47 15.36
C LYS D 184 -3.53 33.14 14.26
N VAL D 185 -3.61 32.47 13.11
CA VAL D 185 -4.29 32.99 11.93
C VAL D 185 -5.38 32.02 11.46
N LYS D 186 -6.25 32.54 10.62
CA LYS D 186 -7.40 31.80 10.11
C LYS D 186 -7.61 32.19 8.66
N ASN D 187 -8.42 31.38 7.96
CA ASN D 187 -8.77 31.66 6.56
C ASN D 187 -7.50 31.77 5.72
N LEU D 188 -6.58 30.83 5.92
CA LEU D 188 -5.34 30.82 5.14
C LEU D 188 -5.67 30.53 3.68
N ARG D 189 -5.22 31.40 2.78
CA ARG D 189 -5.55 31.16 1.36
C ARG D 189 -4.34 31.42 0.47
N TYR D 190 -4.02 30.43 -0.35
CA TYR D 190 -2.92 30.52 -1.30
C TYR D 190 -3.24 31.54 -2.38
N VAL D 191 -2.26 32.36 -2.71
CA VAL D 191 -2.38 33.41 -3.74
C VAL D 191 -1.58 33.04 -4.99
N THR D 192 -0.27 32.90 -4.86
CA THR D 192 0.61 32.73 -6.02
C THR D 192 1.95 32.16 -5.54
N SER D 193 2.93 32.10 -6.45
CA SER D 193 4.28 31.65 -6.16
C SER D 193 5.27 32.43 -7.02
N GLN D 194 6.51 32.51 -6.54
CA GLN D 194 7.60 33.23 -7.22
C GLN D 194 8.96 32.69 -6.82
N PRO D 195 9.90 32.24 -7.82
CA PRO D 195 11.48 31.67 -7.85
C PRO D 195 12.08 32.92 -7.18
N TRP D 196 12.62 32.77 -5.97
CA TRP D 196 13.33 33.91 -5.36
C TRP D 196 14.77 33.43 -5.26
N PRO D 197 15.65 33.79 -6.21
CA PRO D 197 17.00 33.24 -6.25
C PRO D 197 18.02 33.93 -5.34
N PHE D 198 17.72 33.97 -4.03
CA PHE D 198 18.64 34.55 -3.03
C PHE D 198 18.80 33.59 -1.85
N PRO D 199 19.55 32.46 -1.96
CA PRO D 199 20.05 31.90 -3.22
C PRO D 199 19.13 30.99 -4.08
N GLN D 200 18.27 30.20 -3.45
CA GLN D 200 17.44 29.25 -4.24
C GLN D 200 16.07 29.04 -3.60
N SER D 201 15.31 30.11 -3.41
CA SER D 201 14.02 29.95 -2.70
C SER D 201 12.84 29.90 -3.67
N LEU D 202 11.85 29.07 -3.36
CA LEU D 202 10.60 29.18 -4.12
C LEU D 202 9.55 29.71 -3.13
N MET D 203 9.07 30.91 -3.38
CA MET D 203 8.15 31.53 -2.43
C MET D 203 6.75 31.07 -2.74
N THR D 204 6.02 30.62 -1.74
CA THR D 204 4.59 30.36 -1.90
C THR D 204 3.89 31.43 -1.09
N ALA D 205 2.95 32.11 -1.74
CA ALA D 205 2.31 33.33 -1.21
C ALA D 205 0.96 32.99 -0.61
N PHE D 206 0.73 33.43 0.64
CA PHE D 206 -0.53 33.21 1.30
C PHE D 206 -1.06 34.54 1.86
N MET D 207 -2.37 34.60 2.00
CA MET D 207 -3.03 35.62 2.80
C MET D 207 -3.71 34.94 3.97
N ALA D 208 -3.82 35.64 5.09
CA ALA D 208 -4.46 35.04 6.24
C ALA D 208 -5.05 36.18 7.06
N GLU D 209 -5.92 35.83 8.00
CA GLU D 209 -6.56 36.82 8.86
C GLU D 209 -6.23 36.53 10.33
N TYR D 210 -6.13 37.62 11.10
CA TYR D 210 -5.84 37.51 12.52
C TYR D 210 -6.93 36.72 13.23
N ASP D 211 -6.52 35.72 14.01
CA ASP D 211 -7.43 34.98 14.86
C ASP D 211 -7.27 35.38 16.32
N SER D 212 -6.07 35.20 16.87
CA SER D 212 -5.81 35.50 18.27
C SER D 212 -4.31 35.58 18.50
N GLY D 213 -3.94 36.17 19.62
CA GLY D 213 -2.57 36.25 20.05
C GLY D 213 -2.03 37.68 20.05
N ASP D 214 -1.07 37.90 20.95
CA ASP D 214 -0.39 39.17 21.08
C ASP D 214 0.96 39.07 20.40
N ILE D 215 1.44 40.20 19.87
CA ILE D 215 2.71 40.19 19.16
C ILE D 215 3.82 39.97 20.17
N VAL D 216 4.51 38.84 20.04
CA VAL D 216 5.70 38.54 20.84
C VAL D 216 6.75 38.07 19.85
N ILE D 217 7.78 38.87 19.66
CA ILE D 217 8.80 38.63 18.66
C ILE D 217 10.11 38.23 19.36
N ASP D 218 10.99 37.52 18.63
CA ASP D 218 12.34 37.17 19.09
C ASP D 218 13.31 38.31 18.78
N PRO D 219 13.85 39.00 19.78
CA PRO D 219 14.79 40.11 19.50
C PRO D 219 15.99 39.79 18.62
N LYS D 220 16.44 38.53 18.47
CA LYS D 220 17.57 38.33 17.55
C LYS D 220 17.11 38.10 16.11
N GLU D 221 15.80 37.93 15.92
CA GLU D 221 15.27 37.71 14.56
C GLU D 221 14.53 38.90 14.00
N LEU D 222 13.69 39.55 14.81
CA LEU D 222 12.91 40.70 14.38
C LEU D 222 13.24 41.87 15.29
N LEU D 223 13.32 43.06 14.70
CA LEU D 223 13.46 44.24 15.54
C LEU D 223 12.12 44.74 16.06
N GLU D 224 11.08 44.64 15.25
CA GLU D 224 9.78 45.18 15.63
C GLU D 224 8.71 44.76 14.64
N ALA D 225 7.50 44.55 15.14
CA ALA D 225 6.39 44.13 14.31
C ALA D 225 5.16 44.84 14.85
N ASN D 226 4.41 45.51 13.96
CA ASN D 226 3.23 46.25 14.37
C ASN D 226 2.15 46.07 13.33
N TRP D 227 0.92 46.37 13.73
CA TRP D 227 -0.21 46.46 12.82
C TRP D 227 -0.27 47.86 12.24
N TYR D 228 -0.27 47.96 10.91
CA TYR D 228 -0.28 49.22 10.20
C TYR D 228 -1.59 49.35 9.44
N ARG D 229 -2.16 50.53 9.48
CA ARG D 229 -3.46 50.69 8.87
C ARG D 229 -3.26 50.76 7.36
N TYR D 230 -4.22 50.22 6.60
CA TYR D 230 -4.02 50.12 5.16
C TYR D 230 -3.77 51.47 4.50
N ASP D 231 -4.29 52.55 5.10
CA ASP D 231 -4.14 53.91 4.56
C ASP D 231 -2.94 54.65 5.14
N ASP D 232 -2.06 53.98 5.87
CA ASP D 232 -0.89 54.65 6.42
C ASP D 232 0.24 53.65 6.59
N LEU D 233 0.74 53.16 5.49
CA LEU D 233 1.76 52.15 5.56
C LEU D 233 3.16 52.78 5.47
N PRO D 234 4.14 52.17 6.11
CA PRO D 234 5.50 52.69 6.02
C PRO D 234 6.15 52.36 4.70
N LEU D 235 7.47 52.41 4.65
CA LEU D 235 8.21 51.98 3.48
C LEU D 235 8.02 50.47 3.26
N LEU D 236 7.56 50.11 2.07
CA LEU D 236 7.16 48.75 1.67
C LEU D 236 8.16 48.13 0.69
N PRO D 237 8.14 46.81 0.50
CA PRO D 237 9.04 46.18 -0.49
C PRO D 237 8.80 46.76 -1.87
N PRO D 238 9.79 46.72 -2.76
CA PRO D 238 9.63 47.28 -4.10
C PRO D 238 8.48 46.49 -4.89
N PRO D 239 7.79 47.23 -5.73
CA PRO D 239 6.79 46.52 -6.57
C PRO D 239 7.44 45.45 -7.44
N GLY D 240 6.66 44.40 -7.71
CA GLY D 240 7.12 43.24 -8.43
C GLY D 240 7.46 42.07 -7.54
N THR D 241 7.66 42.33 -6.24
CA THR D 241 7.90 41.28 -5.26
C THR D 241 6.58 40.71 -4.77
N VAL D 242 6.63 39.47 -4.28
CA VAL D 242 5.39 38.86 -3.74
C VAL D 242 4.97 39.61 -2.47
N ALA D 243 5.91 40.01 -1.61
CA ALA D 243 5.55 40.69 -0.37
C ALA D 243 4.75 41.95 -0.66
N ARG D 244 5.23 42.75 -1.62
CA ARG D 244 4.51 43.96 -1.98
C ARG D 244 3.18 43.63 -2.61
N ARG D 245 3.14 42.58 -3.46
CA ARG D 245 1.88 42.16 -4.05
C ARG D 245 0.86 41.75 -2.99
N LEU D 246 1.29 40.95 -2.01
CA LEU D 246 0.38 40.53 -0.94
C LEU D 246 -0.10 41.74 -0.15
N ILE D 247 0.81 42.67 0.12
CA ILE D 247 0.43 43.86 0.89
C ILE D 247 -0.61 44.66 0.13
N GLU D 248 -0.37 44.87 -1.16
CA GLU D 248 -1.31 45.64 -1.99
C GLU D 248 -2.67 44.96 -2.11
N ASP D 249 -2.72 43.62 -2.21
CA ASP D 249 -4.01 42.92 -2.23
C ASP D 249 -4.73 43.04 -0.88
N THR D 250 -3.98 43.00 0.22
CA THR D 250 -4.59 43.17 1.53
C THR D 250 -5.23 44.55 1.66
N VAL D 251 -4.50 45.58 1.19
CA VAL D 251 -5.02 46.94 1.20
C VAL D 251 -6.28 47.04 0.36
N ALA D 252 -6.27 46.42 -0.82
CA ALA D 252 -7.43 46.41 -1.69
C ALA D 252 -8.63 45.79 -1.01
N MET D 253 -8.43 44.71 -0.27
CA MET D 253 -9.53 44.11 0.47
C MET D 253 -10.02 45.05 1.56
N CYS D 254 -9.08 45.71 2.24
CA CYS D 254 -9.47 46.62 3.30
C CYS D 254 -10.25 47.79 2.72
N ARG D 255 -9.87 48.25 1.52
CA ARG D 255 -10.64 49.30 0.87
C ARG D 255 -12.00 48.83 0.39
N ALA D 256 -12.09 47.59 -0.08
CA ALA D 256 -13.38 47.10 -0.53
C ALA D 256 -14.38 47.05 0.60
N GLU D 257 -13.94 46.71 1.80
CA GLU D 257 -14.85 46.62 2.96
C GLU D 257 -14.98 47.93 3.77
#